data_9ENQ
#
_entry.id   9ENQ
#
_cell.length_a   1.00
_cell.length_b   1.00
_cell.length_c   1.00
_cell.angle_alpha   90.00
_cell.angle_beta   90.00
_cell.angle_gamma   90.00
#
_symmetry.space_group_name_H-M   'P 1'
#
loop_
_entity.id
_entity.type
_entity.pdbx_description
1 polymer 'DNA polymerase catalytic subunit'
2 polymer 'DNA (46-MER)'
3 polymer 'DNA (67-MER)'
4 non-polymer 'CALCIUM ION'
5 water water
#
loop_
_entity_poly.entity_id
_entity_poly.type
_entity_poly.pdbx_seq_one_letter_code
_entity_poly.pdbx_strand_id
1 'polypeptide(L)'
;MFSGGGGPLSPGGKSAARAASGFFAPAGPRGASRGPPPCLRQNFYNPYLAPVGTQQKPTGPTQRHTYYSECDEFRFIAPR
VLDEDAPPEKRAGVHDGHLKRAPKVYCGGDERDVLRVGSGGFWPRRSRLWGGVDHAPAGFNPTVTVFHVYDILENVEHAY
GMRAAQFHARFMDAITPTGTVITLLGLTPEGHRVAVHVYGTRQYFYMNKEEVDRHLQCRAPRDLCERMAAALRESPGASF
RGISADHFEAEVVERTDVYYYETRPALFYRVYVRSGRVLSYLCDNFCPAIKKYEGGVDATTRFILDNPGFVTFGWYRLKP
GRNNTLAQPRAPMAFGTSSDVEFNCTADNLAIEGGMSDLPAYKLMCFDIECKAGGEDELAFPVAGHPEDLVIQISCLLYD
LSTTALEHVLLFSLGSCDLPESHLNELAARGLPTPVVLEFDSEFEMLLAFMTLVKQYGPEFVTGYNIINFDWPFLLAKLT
DIYKVPLDGYGRMNGRGVFRVWDIGQSHFQKRSKIKVNGMVNIDMYGIITDKIKLSSYKLNAVAEAVLKDKKKDLSYRDI
PAYYAAGPAQRGVIGEYCIQDSLLVGQLFFKFLPHLELSAVARLAGINITRTIYDGQQIRVFTCLLRLADQKGFILPDTQ
GRFRGAGGEAPKRPAAAREDEERPEEEGEDEDEREEGGGEREPEGARETAGRHVGYQGARVLDPTSGFHVNPVVVFDFAS
LYPSIIQAHNLCFSTLSLRADAVAHLEAGKDYLEIEVGGRRLFFVKAHVRESLLSILLRDWLAMRKQIRSRIPQSSPEEA
VLLDKQQAAIKVVCNSVYGFTGVQHGLLPCLHVAATVTTIGREMLLATREYVHARWAAFEQLLADFPEAADMRAPGPYSM
RIIYGDTDSIFVLCRGLTAAGLTAVGDKMASHISRALFLPPIKLECEKTFTKLLLIAKKKYIGVIYGGKMLIKGVDLVRK
NNCAFINRTSRALVDLLFYDDTVSGAAAALAERPAEEWLARPLPEGLQAFGAVLVDAHRRITDPERDIQDFVLTAELSRH
PRAYTNKRLAHLTVYYKLMARRAQVPSIKDRIPYVIVAQTREVEETVARLAALRELDAAAPGDEPAPPAALPSPAKRPRE
TPSPADPPGGASKPRKLLVSELAEDPAYAIAHGVALNTDYYFSHLLGAACVTFKALFGNNAKITESLLKRFIPEVWHPPD
DVAARLRTAGFGAVGAGATAEETRRMLHRAFDTLA
;
A
2 'polydeoxyribonucleotide'
;(DG)(DC)(DC)(DA)(DC)(DT)(DA)(DC)(DG)(DA)(DC)(DA)(DC)(DC)(DT)(DT)(DG)(DA)(DT)(DC)
(DG)(DC)(DC)(DT)(DC)(DG)(DC)(DA)(DG)(DC)(DC)(DG)(DT)(DC)(DC)(DA)(DA)(DC)(DC)(DA)
(DA)(DC)(DT)(DC)(AS)(AS)
;
C
3 'polydeoxyribonucleotide'
;(DA)(DT)(DT)(DT)(DG)(DC)(DT)(DG)(DA)(DC)(DC)(DT)(DT)(DT)(DG)(DT)(DT)(DC)(DT)(DG)
(DG)(DG)(DT)(DG)(DA)(DG)(DT)(DT)(DG)(DG)(DT)(DT)(DG)(DG)(DA)(DC)(DG)(DG)(DC)(DT)
(DG)(DC)(DG)(DA)(DG)(DG)(DC)(DG)(DA)(DT)(DC)(DA)(DA)(DG)(DG)(DT)(DG)(DT)(DC)(DG)
(DT)(DA)(DG)(DT)(DG)(DG)(DC)
;
D
#
# COMPACT_ATOMS: atom_id res chain seq x y z
N THR A 59 -3.92 -34.02 3.65
CA THR A 59 -3.25 -33.19 2.61
C THR A 59 -2.92 -31.80 3.19
N GLY A 60 -3.94 -30.96 3.35
CA GLY A 60 -3.76 -29.59 3.82
C GLY A 60 -3.31 -28.65 2.70
N PRO A 61 -3.18 -27.32 2.99
CA PRO A 61 -2.82 -26.33 1.98
C PRO A 61 -1.52 -26.58 1.20
N THR A 62 -1.52 -26.14 -0.07
CA THR A 62 -0.39 -26.29 -0.99
C THR A 62 0.82 -25.50 -0.48
N GLN A 63 0.59 -24.23 -0.10
CA GLN A 63 1.59 -23.43 0.60
C GLN A 63 1.15 -23.30 2.06
N ARG A 64 2.10 -23.45 2.99
CA ARG A 64 1.78 -23.46 4.42
C ARG A 64 1.25 -22.09 4.87
N HIS A 65 0.21 -22.12 5.72
CA HIS A 65 -0.30 -20.96 6.44
C HIS A 65 0.61 -20.71 7.66
N THR A 66 1.13 -19.48 7.82
CA THR A 66 2.13 -19.20 8.85
C THR A 66 1.55 -18.45 10.06
N TYR A 67 0.34 -17.91 9.97
CA TYR A 67 -0.38 -17.40 11.13
C TYR A 67 -0.77 -18.54 12.08
N TYR A 68 -1.04 -18.21 13.35
CA TYR A 68 -1.37 -19.22 14.35
C TYR A 68 -2.83 -19.65 14.22
N SER A 69 -3.03 -20.95 13.90
CA SER A 69 -4.34 -21.57 13.94
C SER A 69 -4.45 -22.49 15.18
N GLU A 70 -3.32 -22.79 15.81
CA GLU A 70 -3.28 -23.53 17.06
C GLU A 70 -2.08 -23.05 17.89
N CYS A 71 -2.20 -23.17 19.21
CA CYS A 71 -1.22 -22.72 20.17
C CYS A 71 -1.54 -23.37 21.51
N ASP A 72 -0.53 -23.97 22.17
CA ASP A 72 -0.76 -24.69 23.42
C ASP A 72 0.29 -24.40 24.49
N GLU A 73 1.19 -23.44 24.22
CA GLU A 73 2.08 -22.89 25.23
C GLU A 73 2.43 -21.46 24.82
N PHE A 74 2.56 -20.55 25.81
CA PHE A 74 2.91 -19.17 25.53
C PHE A 74 3.49 -18.50 26.76
N ARG A 75 4.15 -17.35 26.52
CA ARG A 75 4.66 -16.50 27.58
C ARG A 75 3.51 -15.69 28.20
N PHE A 76 3.16 -16.04 29.45
CA PHE A 76 2.11 -15.37 30.20
C PHE A 76 2.68 -14.16 30.97
N ILE A 77 2.34 -12.95 30.52
CA ILE A 77 2.69 -11.70 31.19
C ILE A 77 1.41 -10.97 31.59
N ALA A 78 1.28 -10.59 32.87
CA ALA A 78 0.08 -9.93 33.39
C ALA A 78 0.38 -9.17 34.68
N PRO A 79 -0.26 -8.00 34.94
CA PRO A 79 -0.08 -7.27 36.19
C PRO A 79 -0.55 -8.08 37.40
N ARG A 80 0.26 -8.10 38.47
CA ARG A 80 -0.10 -8.79 39.69
C ARG A 80 -1.33 -8.18 40.37
N VAL A 81 -1.62 -6.89 40.14
CA VAL A 81 -2.77 -6.23 40.75
C VAL A 81 -4.11 -6.82 40.32
N LEU A 82 -4.15 -7.66 39.28
CA LEU A 82 -5.36 -8.36 38.86
C LEU A 82 -5.71 -9.52 39.80
N ASP A 83 -4.78 -9.95 40.66
CA ASP A 83 -5.02 -10.98 41.67
C ASP A 83 -5.73 -10.36 42.88
N GLU A 84 -7.06 -10.51 42.93
CA GLU A 84 -7.88 -9.83 43.94
C GLU A 84 -7.72 -10.45 45.34
N ASP A 85 -7.29 -11.72 45.41
CA ASP A 85 -7.13 -12.44 46.67
C ASP A 85 -5.74 -12.22 47.30
N ALA A 86 -4.78 -11.70 46.52
CA ALA A 86 -3.39 -11.57 46.96
C ALA A 86 -3.23 -10.43 47.98
N PRO A 87 -2.35 -10.60 49.00
CA PRO A 87 -2.05 -9.53 49.95
C PRO A 87 -1.20 -8.44 49.29
N PRO A 88 -1.22 -7.18 49.80
CA PRO A 88 -0.63 -6.03 49.12
C PRO A 88 0.80 -6.18 48.61
N GLU A 89 1.65 -6.89 49.36
CA GLU A 89 3.05 -7.10 48.99
C GLU A 89 3.18 -7.90 47.69
N LYS A 90 2.18 -8.73 47.37
CA LYS A 90 2.18 -9.56 46.16
C LYS A 90 1.35 -8.95 45.02
N ARG A 91 1.02 -7.66 45.10
CA ARG A 91 0.13 -7.07 44.11
C ARG A 91 0.81 -5.96 43.33
N ALA A 92 2.13 -6.01 43.19
CA ALA A 92 2.78 -5.04 42.32
C ALA A 92 3.69 -5.79 41.35
N GLY A 93 4.01 -5.16 40.21
CA GLY A 93 4.80 -5.77 39.16
C GLY A 93 3.97 -6.64 38.22
N VAL A 94 4.64 -7.47 37.41
CA VAL A 94 4.00 -8.33 36.43
C VAL A 94 4.50 -9.75 36.62
N HIS A 95 3.59 -10.74 36.60
CA HIS A 95 3.98 -12.13 36.47
C HIS A 95 4.57 -12.33 35.09
N ASP A 96 5.67 -13.07 34.95
CA ASP A 96 6.25 -13.37 33.65
C ASP A 96 6.80 -14.80 33.66
N GLY A 97 6.14 -15.70 32.93
CA GLY A 97 6.56 -17.10 32.85
C GLY A 97 5.89 -17.79 31.66
N HIS A 98 6.16 -19.10 31.47
CA HIS A 98 5.56 -19.84 30.37
C HIS A 98 4.45 -20.74 30.89
N LEU A 99 3.30 -20.68 30.23
CA LEU A 99 2.10 -21.41 30.65
C LEU A 99 1.70 -22.44 29.59
N LYS A 100 1.51 -23.70 30.01
CA LYS A 100 1.05 -24.76 29.11
C LYS A 100 -0.48 -24.77 29.06
N ARG A 101 -1.04 -23.89 28.23
CA ARG A 101 -2.49 -23.74 28.09
C ARG A 101 -2.81 -23.18 26.70
N ALA A 102 -3.99 -23.49 26.17
CA ALA A 102 -4.46 -22.80 24.98
C ALA A 102 -4.89 -21.37 25.34
N PRO A 103 -4.47 -20.32 24.57
CA PRO A 103 -4.96 -18.96 24.78
C PRO A 103 -6.48 -18.87 24.86
N LYS A 104 -6.97 -18.12 25.86
CA LYS A 104 -8.40 -18.01 26.14
C LYS A 104 -8.88 -16.56 26.12
N VAL A 105 -10.19 -16.41 25.83
CA VAL A 105 -10.89 -15.13 25.89
C VAL A 105 -12.19 -15.32 26.66
N TYR A 106 -12.55 -14.33 27.48
CA TYR A 106 -13.81 -14.34 28.22
C TYR A 106 -14.69 -13.21 27.71
N CYS A 107 -15.99 -13.48 27.63
CA CYS A 107 -16.94 -12.50 27.13
C CYS A 107 -18.33 -12.77 27.70
N GLY A 108 -18.87 -11.82 28.48
CA GLY A 108 -20.22 -11.91 29.00
C GLY A 108 -20.48 -13.17 29.85
N GLY A 109 -19.44 -13.67 30.53
CA GLY A 109 -19.59 -14.85 31.35
C GLY A 109 -19.18 -16.15 30.65
N ASP A 110 -19.14 -16.13 29.31
CA ASP A 110 -18.69 -17.27 28.51
C ASP A 110 -17.17 -17.24 28.34
N GLU A 111 -16.60 -18.40 28.00
CA GLU A 111 -15.19 -18.57 27.72
C GLU A 111 -15.01 -19.34 26.40
N ARG A 112 -13.99 -18.95 25.62
CA ARG A 112 -13.60 -19.66 24.41
C ARG A 112 -12.08 -19.64 24.26
N ASP A 113 -11.55 -20.63 23.53
CA ASP A 113 -10.18 -20.56 23.04
C ASP A 113 -10.11 -19.51 21.94
N VAL A 114 -9.05 -18.69 21.96
CA VAL A 114 -8.87 -17.61 21.00
C VAL A 114 -8.84 -18.13 19.55
N LEU A 115 -8.23 -19.29 19.32
CA LEU A 115 -7.95 -19.78 17.97
C LEU A 115 -9.01 -20.76 17.46
N ARG A 116 -10.08 -21.01 18.24
CA ARG A 116 -11.18 -21.87 17.84
C ARG A 116 -12.09 -21.16 16.84
N VAL A 117 -12.26 -21.72 15.65
CA VAL A 117 -13.26 -21.26 14.69
C VAL A 117 -14.44 -22.22 14.67
N GLY A 118 -15.64 -21.62 14.76
CA GLY A 118 -16.91 -22.30 14.91
C GLY A 118 -18.04 -21.27 15.03
N SER A 119 -19.22 -21.72 15.50
CA SER A 119 -20.46 -20.96 15.36
C SER A 119 -20.54 -19.82 16.40
N GLY A 120 -20.01 -20.05 17.60
CA GLY A 120 -20.32 -19.20 18.74
C GLY A 120 -19.26 -18.11 19.04
N GLY A 121 -18.50 -17.67 18.03
CA GLY A 121 -17.39 -16.75 18.23
C GLY A 121 -17.80 -15.38 18.79
N PHE A 122 -16.88 -14.74 19.52
CA PHE A 122 -17.14 -13.46 20.18
C PHE A 122 -16.91 -12.27 19.25
N TRP A 123 -16.21 -12.45 18.11
CA TRP A 123 -15.98 -11.37 17.16
C TRP A 123 -16.38 -11.79 15.75
N PRO A 124 -16.75 -10.86 14.83
CA PRO A 124 -17.15 -11.22 13.48
C PRO A 124 -16.01 -11.75 12.63
N ARG A 125 -16.35 -12.59 11.63
CA ARG A 125 -15.38 -13.13 10.69
C ARG A 125 -15.84 -12.98 9.24
N ARG A 126 -14.86 -12.86 8.34
CA ARG A 126 -15.08 -12.84 6.89
C ARG A 126 -14.09 -13.78 6.21
N SER A 127 -13.72 -14.87 6.90
CA SER A 127 -12.71 -15.82 6.43
C SER A 127 -13.36 -17.14 6.04
N ARG A 128 -12.96 -17.70 4.89
CA ARG A 128 -13.41 -19.01 4.47
C ARG A 128 -12.55 -20.09 5.11
N LEU A 129 -11.23 -20.04 4.90
CA LEU A 129 -10.30 -21.02 5.45
C LEU A 129 -9.81 -20.59 6.82
N TRP A 130 -9.56 -21.58 7.70
CA TRP A 130 -8.82 -21.34 8.92
C TRP A 130 -7.91 -22.52 9.23
N GLY A 131 -6.59 -22.29 9.15
CA GLY A 131 -5.60 -23.32 9.42
C GLY A 131 -5.68 -24.51 8.47
N GLY A 132 -6.23 -24.31 7.26
CA GLY A 132 -6.37 -25.39 6.28
C GLY A 132 -7.69 -26.17 6.36
N VAL A 133 -8.66 -25.69 7.16
CA VAL A 133 -10.03 -26.22 7.17
C VAL A 133 -10.96 -25.21 6.49
N ASP A 134 -11.85 -25.69 5.61
CA ASP A 134 -12.81 -24.85 4.90
C ASP A 134 -14.11 -24.75 5.70
N HIS A 135 -14.49 -23.52 6.10
CA HIS A 135 -15.66 -23.27 6.94
C HIS A 135 -16.84 -22.70 6.16
N ALA A 136 -16.76 -22.61 4.83
CA ALA A 136 -17.89 -22.19 4.00
C ALA A 136 -19.00 -23.24 4.04
N PRO A 137 -20.29 -22.85 3.88
CA PRO A 137 -21.39 -23.81 3.72
C PRO A 137 -21.14 -24.83 2.60
N ALA A 138 -21.73 -26.01 2.74
CA ALA A 138 -21.61 -27.05 1.72
C ALA A 138 -22.18 -26.57 0.38
N GLY A 139 -21.39 -26.69 -0.70
CA GLY A 139 -21.80 -26.29 -2.03
C GLY A 139 -21.63 -24.79 -2.29
N PHE A 140 -20.89 -24.08 -1.42
CA PHE A 140 -20.60 -22.66 -1.64
C PHE A 140 -19.74 -22.49 -2.89
N ASN A 141 -20.28 -21.80 -3.91
CA ASN A 141 -19.58 -21.61 -5.17
C ASN A 141 -20.14 -20.37 -5.89
N PRO A 142 -19.81 -19.14 -5.44
CA PRO A 142 -20.27 -17.93 -6.13
C PRO A 142 -19.76 -17.84 -7.56
N THR A 143 -20.63 -17.36 -8.46
CA THR A 143 -20.21 -16.98 -9.80
C THR A 143 -19.72 -15.53 -9.78
N VAL A 144 -18.52 -15.29 -10.31
CA VAL A 144 -17.91 -13.96 -10.32
C VAL A 144 -17.79 -13.49 -11.77
N THR A 145 -18.43 -12.36 -12.06
CA THR A 145 -18.32 -11.68 -13.33
C THR A 145 -17.55 -10.37 -13.14
N VAL A 146 -18.08 -9.48 -12.31
CA VAL A 146 -17.45 -8.19 -12.00
C VAL A 146 -16.92 -8.19 -10.56
N PHE A 147 -15.79 -7.50 -10.37
CA PHE A 147 -15.19 -7.35 -9.06
C PHE A 147 -14.43 -6.03 -9.01
N HIS A 148 -14.31 -5.47 -7.80
CA HIS A 148 -13.58 -4.25 -7.61
C HIS A 148 -12.20 -4.59 -7.07
N VAL A 149 -11.16 -3.96 -7.60
CA VAL A 149 -9.80 -4.12 -7.12
C VAL A 149 -9.43 -2.89 -6.29
N TYR A 150 -8.89 -3.10 -5.09
CA TYR A 150 -8.41 -1.99 -4.27
C TYR A 150 -6.90 -2.05 -4.06
N ASP A 151 -6.27 -3.23 -4.25
CA ASP A 151 -4.85 -3.39 -4.03
C ASP A 151 -4.30 -4.50 -4.94
N ILE A 152 -3.01 -4.40 -5.27
CA ILE A 152 -2.34 -5.34 -6.14
C ILE A 152 -1.06 -5.83 -5.47
N LEU A 153 -0.95 -7.15 -5.27
CA LEU A 153 0.26 -7.77 -4.77
C LEU A 153 1.09 -8.28 -5.95
N GLU A 154 2.34 -8.56 -5.67
CA GLU A 154 3.32 -9.00 -6.65
C GLU A 154 4.21 -10.04 -5.97
N ASN A 155 4.11 -11.29 -6.42
CA ASN A 155 4.77 -12.42 -5.77
C ASN A 155 5.43 -13.33 -6.81
N VAL A 156 6.38 -14.15 -6.35
CA VAL A 156 6.98 -15.19 -7.19
C VAL A 156 6.37 -16.54 -6.86
N GLU A 157 5.99 -17.30 -7.90
CA GLU A 157 5.56 -18.68 -7.77
C GLU A 157 6.48 -19.58 -8.61
N HIS A 158 6.63 -20.85 -8.17
CA HIS A 158 7.43 -21.84 -8.86
C HIS A 158 6.56 -23.04 -9.24
N ALA A 159 6.69 -23.53 -10.48
CA ALA A 159 5.94 -24.69 -10.96
C ALA A 159 6.14 -25.92 -10.06
N TYR A 160 7.33 -26.10 -9.49
CA TYR A 160 7.61 -27.21 -8.60
C TYR A 160 6.82 -27.09 -7.30
N GLY A 161 6.77 -25.88 -6.72
CA GLY A 161 5.98 -25.61 -5.52
C GLY A 161 4.48 -25.83 -5.73
N MET A 162 3.95 -25.45 -6.90
CA MET A 162 2.53 -25.51 -7.19
C MET A 162 2.09 -26.82 -7.86
N ARG A 163 2.98 -27.83 -7.96
CA ARG A 163 2.73 -29.03 -8.75
C ARG A 163 1.52 -29.86 -8.29
N ALA A 164 1.18 -29.79 -6.99
CA ALA A 164 0.05 -30.52 -6.44
C ALA A 164 -1.29 -29.82 -6.67
N ALA A 165 -1.27 -28.49 -6.87
CA ALA A 165 -2.46 -27.73 -7.23
C ALA A 165 -2.86 -28.02 -8.68
N GLN A 166 -4.15 -28.12 -8.95
CA GLN A 166 -4.63 -28.56 -10.26
C GLN A 166 -4.74 -27.40 -11.23
N PHE A 167 -3.68 -26.59 -11.36
CA PHE A 167 -3.68 -25.44 -12.27
C PHE A 167 -3.56 -25.91 -13.72
N HIS A 168 -4.28 -25.25 -14.64
CA HIS A 168 -4.14 -25.51 -16.07
C HIS A 168 -2.71 -25.25 -16.54
N ALA A 169 -2.31 -25.95 -17.61
CA ALA A 169 -0.95 -25.92 -18.14
C ALA A 169 -0.48 -24.51 -18.50
N ARG A 170 -1.40 -23.66 -19.00
CA ARG A 170 -1.06 -22.30 -19.43
C ARG A 170 -0.55 -21.43 -18.28
N PHE A 171 -1.00 -21.71 -17.04
CA PHE A 171 -0.51 -21.01 -15.86
C PHE A 171 0.83 -21.59 -15.42
N MET A 172 0.94 -22.93 -15.41
CA MET A 172 2.17 -23.61 -15.02
C MET A 172 3.34 -23.24 -15.93
N ASP A 173 3.09 -23.09 -17.25
CA ASP A 173 4.09 -22.63 -18.21
C ASP A 173 4.64 -21.25 -17.82
N ALA A 174 3.75 -20.33 -17.40
CA ALA A 174 4.13 -18.98 -17.00
C ALA A 174 4.97 -18.96 -15.72
N ILE A 175 4.93 -20.02 -14.89
CA ILE A 175 5.73 -20.11 -13.68
C ILE A 175 6.75 -21.26 -13.74
N THR A 176 7.09 -21.74 -14.95
CA THR A 176 8.11 -22.77 -15.15
C THR A 176 9.38 -22.12 -15.69
N PRO A 177 10.56 -22.24 -15.03
CA PRO A 177 10.72 -22.84 -13.70
C PRO A 177 10.27 -21.93 -12.55
N THR A 178 10.18 -20.63 -12.85
CA THR A 178 9.74 -19.60 -11.90
C THR A 178 9.04 -18.47 -12.68
N GLY A 179 8.18 -17.70 -11.99
CA GLY A 179 7.51 -16.57 -12.63
C GLY A 179 6.87 -15.61 -11.63
N THR A 180 6.64 -14.36 -12.07
CA THR A 180 6.00 -13.33 -11.25
C THR A 180 4.49 -13.37 -11.48
N VAL A 181 3.73 -13.44 -10.37
CA VAL A 181 2.27 -13.48 -10.38
C VAL A 181 1.74 -12.19 -9.76
N ILE A 182 0.79 -11.56 -10.45
CA ILE A 182 0.19 -10.31 -10.04
C ILE A 182 -1.16 -10.65 -9.41
N THR A 183 -1.38 -10.32 -8.12
CA THR A 183 -2.61 -10.71 -7.45
C THR A 183 -3.48 -9.48 -7.22
N LEU A 184 -4.62 -9.42 -7.93
CA LEU A 184 -5.61 -8.38 -7.73
C LEU A 184 -6.46 -8.72 -6.51
N LEU A 185 -6.48 -7.85 -5.51
CA LEU A 185 -7.26 -8.06 -4.30
C LEU A 185 -8.53 -7.23 -4.38
N GLY A 186 -9.65 -7.83 -4.01
CA GLY A 186 -10.92 -7.16 -4.27
C GLY A 186 -12.15 -7.74 -3.61
N LEU A 187 -13.29 -7.25 -4.10
CA LEU A 187 -14.59 -7.59 -3.58
C LEU A 187 -15.61 -7.65 -4.71
N THR A 188 -16.51 -8.63 -4.67
CA THR A 188 -17.61 -8.68 -5.63
C THR A 188 -18.74 -7.75 -5.15
N PRO A 189 -19.75 -7.43 -6.02
CA PRO A 189 -20.97 -6.73 -5.60
C PRO A 189 -21.74 -7.39 -4.46
N GLU A 190 -21.60 -8.72 -4.30
CA GLU A 190 -22.24 -9.47 -3.23
C GLU A 190 -21.41 -9.48 -1.93
N GLY A 191 -20.25 -8.81 -1.93
CA GLY A 191 -19.40 -8.68 -0.75
C GLY A 191 -18.45 -9.86 -0.52
N HIS A 192 -18.32 -10.77 -1.49
CA HIS A 192 -17.35 -11.86 -1.41
C HIS A 192 -15.94 -11.33 -1.66
N ARG A 193 -14.98 -11.74 -0.82
CA ARG A 193 -13.59 -11.37 -0.99
C ARG A 193 -12.94 -12.20 -2.11
N VAL A 194 -12.31 -11.52 -3.07
CA VAL A 194 -11.69 -12.17 -4.22
C VAL A 194 -10.19 -11.88 -4.28
N ALA A 195 -9.44 -12.89 -4.75
CA ALA A 195 -8.10 -12.68 -5.26
C ALA A 195 -8.02 -13.23 -6.69
N VAL A 196 -7.60 -12.39 -7.64
CA VAL A 196 -7.39 -12.82 -9.01
C VAL A 196 -5.89 -12.81 -9.30
N HIS A 197 -5.33 -13.99 -9.56
CA HIS A 197 -3.92 -14.16 -9.83
C HIS A 197 -3.66 -14.13 -11.33
N VAL A 198 -2.93 -13.12 -11.80
CA VAL A 198 -2.69 -12.90 -13.21
C VAL A 198 -1.29 -13.40 -13.56
N TYR A 199 -1.21 -14.30 -14.55
CA TYR A 199 0.03 -14.93 -14.98
C TYR A 199 0.55 -14.31 -16.27
N GLY A 200 1.85 -14.45 -16.52
CA GLY A 200 2.42 -14.11 -17.81
C GLY A 200 3.02 -12.70 -17.89
N THR A 201 2.88 -11.89 -16.82
CA THR A 201 3.53 -10.58 -16.77
C THR A 201 5.03 -10.77 -16.53
N ARG A 202 5.88 -10.09 -17.32
CA ARG A 202 7.33 -10.15 -17.15
C ARG A 202 7.90 -8.73 -17.08
N GLN A 203 8.88 -8.54 -16.18
CA GLN A 203 9.66 -7.31 -16.15
C GLN A 203 10.68 -7.35 -17.28
N TYR A 204 11.04 -6.17 -17.78
CA TYR A 204 12.06 -6.05 -18.80
C TYR A 204 12.83 -4.74 -18.68
N PHE A 205 14.06 -4.78 -19.20
CA PHE A 205 14.98 -3.64 -19.20
C PHE A 205 15.72 -3.60 -20.54
N TYR A 206 16.36 -2.47 -20.85
CA TYR A 206 17.08 -2.34 -22.11
C TYR A 206 18.56 -2.02 -21.86
N MET A 207 19.41 -2.50 -22.80
CA MET A 207 20.81 -2.11 -22.91
C MET A 207 21.14 -1.84 -24.38
N ASN A 208 22.03 -0.87 -24.64
CA ASN A 208 22.41 -0.48 -25.98
C ASN A 208 23.10 -1.66 -26.69
N LYS A 209 22.66 -1.97 -27.92
CA LYS A 209 23.10 -3.18 -28.62
C LYS A 209 24.60 -3.13 -28.92
N GLU A 210 25.07 -2.00 -29.47
CA GLU A 210 26.48 -1.86 -29.84
C GLU A 210 27.40 -1.94 -28.62
N GLU A 211 27.00 -1.33 -27.50
CA GLU A 211 27.83 -1.33 -26.30
C GLU A 211 27.94 -2.73 -25.69
N VAL A 212 26.82 -3.49 -25.69
CA VAL A 212 26.81 -4.87 -25.22
C VAL A 212 27.62 -5.76 -26.16
N ASP A 213 27.45 -5.58 -27.49
CA ASP A 213 28.15 -6.36 -28.50
C ASP A 213 29.68 -6.18 -28.42
N ARG A 214 30.18 -4.98 -28.04
CA ARG A 214 31.61 -4.76 -27.91
C ARG A 214 32.15 -5.20 -26.54
N HIS A 215 31.34 -5.11 -25.48
CA HIS A 215 31.77 -5.41 -24.12
C HIS A 215 31.78 -6.92 -23.85
N LEU A 216 30.74 -7.64 -24.32
CA LEU A 216 30.57 -9.07 -24.03
C LEU A 216 30.78 -9.96 -25.27
N GLN A 217 31.10 -9.36 -26.42
CA GLN A 217 31.31 -10.06 -27.70
C GLN A 217 30.08 -10.86 -28.15
N CYS A 218 28.87 -10.40 -27.81
CA CYS A 218 27.63 -10.99 -28.30
C CYS A 218 27.44 -10.73 -29.79
N ARG A 219 26.78 -11.67 -30.49
CA ARG A 219 26.46 -11.54 -31.91
C ARG A 219 25.00 -11.91 -32.22
N ALA A 220 24.32 -12.63 -31.31
CA ALA A 220 22.90 -12.91 -31.38
C ALA A 220 22.27 -12.83 -29.98
N PRO A 221 20.96 -12.53 -29.83
CA PRO A 221 20.33 -12.36 -28.51
C PRO A 221 20.48 -13.54 -27.55
N ARG A 222 20.64 -14.76 -28.08
CA ARG A 222 20.84 -15.96 -27.27
C ARG A 222 22.15 -15.89 -26.47
N ASP A 223 23.17 -15.18 -26.98
CA ASP A 223 24.46 -15.06 -26.31
C ASP A 223 24.31 -14.34 -24.97
N LEU A 224 23.62 -13.18 -24.99
CA LEU A 224 23.42 -12.35 -23.82
C LEU A 224 22.72 -13.11 -22.69
N CYS A 225 21.74 -13.96 -23.07
CA CYS A 225 21.04 -14.84 -22.13
C CYS A 225 22.02 -15.77 -21.39
N GLU A 226 23.02 -16.32 -22.10
CA GLU A 226 24.08 -17.12 -21.48
C GLU A 226 24.94 -16.28 -20.54
N ARG A 227 25.34 -15.06 -20.97
CA ARG A 227 26.21 -14.19 -20.18
C ARG A 227 25.55 -13.84 -18.84
N MET A 228 24.26 -13.49 -18.87
CA MET A 228 23.50 -13.15 -17.67
C MET A 228 23.33 -14.36 -16.76
N ALA A 229 23.00 -15.52 -17.33
CA ALA A 229 22.91 -16.77 -16.58
C ALA A 229 24.24 -17.09 -15.87
N ALA A 230 25.38 -16.91 -16.57
CA ALA A 230 26.70 -17.09 -15.98
C ALA A 230 26.92 -16.16 -14.77
N ALA A 231 26.61 -14.86 -14.91
CA ALA A 231 26.79 -13.88 -13.85
C ALA A 231 25.94 -14.19 -12.60
N LEU A 232 24.81 -14.91 -12.79
CA LEU A 232 23.96 -15.35 -11.70
C LEU A 232 24.47 -16.66 -11.08
N ARG A 233 24.91 -17.62 -11.90
CA ARG A 233 25.55 -18.84 -11.42
C ARG A 233 26.77 -18.53 -10.53
N GLU A 234 27.53 -17.50 -10.92
CA GLU A 234 28.75 -17.10 -10.24
C GLU A 234 28.50 -16.11 -9.08
N SER A 235 27.24 -15.91 -8.68
CA SER A 235 26.87 -14.97 -7.62
C SER A 235 27.40 -15.41 -6.25
N PRO A 236 27.79 -14.45 -5.36
CA PRO A 236 28.19 -14.78 -3.99
C PRO A 236 27.13 -15.59 -3.24
N GLY A 237 27.56 -16.70 -2.63
CA GLY A 237 26.67 -17.57 -1.86
C GLY A 237 25.76 -18.43 -2.72
N ALA A 238 25.84 -18.29 -4.06
CA ALA A 238 25.03 -19.02 -5.03
C ALA A 238 23.52 -18.94 -4.72
N SER A 239 23.05 -17.73 -4.38
CA SER A 239 21.65 -17.43 -4.12
C SER A 239 20.78 -17.60 -5.37
N PHE A 240 21.43 -17.62 -6.56
CA PHE A 240 20.75 -17.81 -7.85
C PHE A 240 21.18 -19.14 -8.49
N ARG A 241 21.19 -20.21 -7.68
CA ARG A 241 21.46 -21.57 -8.15
C ARG A 241 20.35 -22.03 -9.12
N GLY A 242 20.74 -22.73 -10.19
CA GLY A 242 19.78 -23.32 -11.12
C GLY A 242 19.35 -22.37 -12.25
N ILE A 243 19.92 -21.15 -12.32
CA ILE A 243 19.60 -20.22 -13.40
C ILE A 243 20.18 -20.73 -14.73
N SER A 244 19.46 -20.44 -15.83
CA SER A 244 19.76 -20.91 -17.17
C SER A 244 19.33 -19.86 -18.21
N ALA A 245 19.67 -20.08 -19.49
CA ALA A 245 19.22 -19.18 -20.56
C ALA A 245 17.71 -19.26 -20.78
N ASP A 246 17.03 -20.29 -20.27
CA ASP A 246 15.57 -20.40 -20.32
C ASP A 246 14.88 -19.38 -19.40
N HIS A 247 15.61 -18.86 -18.39
CA HIS A 247 15.09 -17.83 -17.49
C HIS A 247 15.03 -16.44 -18.15
N PHE A 248 15.41 -16.34 -19.45
CA PHE A 248 15.56 -15.06 -20.15
C PHE A 248 14.95 -15.10 -21.56
N GLU A 249 14.63 -13.90 -22.06
CA GLU A 249 14.37 -13.67 -23.47
C GLU A 249 14.98 -12.33 -23.84
N ALA A 250 15.57 -12.26 -25.05
CA ALA A 250 16.14 -11.02 -25.55
C ALA A 250 15.76 -10.79 -27.01
N GLU A 251 15.45 -9.53 -27.35
CA GLU A 251 15.12 -9.12 -28.71
C GLU A 251 15.77 -7.78 -29.01
N VAL A 252 15.93 -7.46 -30.31
CA VAL A 252 16.53 -6.21 -30.73
C VAL A 252 15.42 -5.26 -31.19
N VAL A 253 15.44 -4.03 -30.64
CA VAL A 253 14.42 -3.01 -30.90
C VAL A 253 15.08 -1.64 -31.05
N GLU A 254 14.42 -0.71 -31.76
CA GLU A 254 14.92 0.65 -31.89
C GLU A 254 14.24 1.57 -30.87
N ARG A 255 15.05 2.34 -30.12
CA ARG A 255 14.56 3.25 -29.09
C ARG A 255 15.47 4.49 -29.04
N THR A 256 15.01 5.56 -28.36
CA THR A 256 15.84 6.73 -28.11
C THR A 256 15.96 6.97 -26.60
N ASP A 257 17.16 7.28 -26.11
CA ASP A 257 17.34 7.78 -24.75
C ASP A 257 16.56 9.11 -24.62
N VAL A 258 15.75 9.25 -23.56
CA VAL A 258 14.91 10.42 -23.36
C VAL A 258 15.71 11.72 -23.17
N TYR A 259 16.99 11.65 -22.77
CA TYR A 259 17.78 12.85 -22.59
C TYR A 259 18.33 13.41 -23.90
N TYR A 260 18.11 14.72 -24.07
CA TYR A 260 18.70 15.63 -25.06
C TYR A 260 18.05 15.51 -26.44
N TYR A 261 18.07 16.65 -27.15
CA TYR A 261 17.44 16.80 -28.45
C TYR A 261 18.24 16.09 -29.54
N GLU A 262 19.57 16.20 -29.50
CA GLU A 262 20.45 15.67 -30.52
C GLU A 262 20.54 14.13 -30.51
N THR A 263 20.09 13.49 -29.42
CA THR A 263 20.19 12.06 -29.22
C THR A 263 19.47 11.31 -30.33
N ARG A 264 20.20 10.45 -31.04
CA ARG A 264 19.66 9.69 -32.17
C ARG A 264 19.03 8.39 -31.70
N PRO A 265 17.99 7.88 -32.41
CA PRO A 265 17.52 6.50 -32.23
C PRO A 265 18.69 5.52 -32.41
N ALA A 266 18.66 4.46 -31.61
CA ALA A 266 19.68 3.41 -31.64
C ALA A 266 19.03 2.04 -31.38
N LEU A 267 19.77 0.97 -31.72
CA LEU A 267 19.33 -0.38 -31.42
C LEU A 267 19.66 -0.74 -29.97
N PHE A 268 18.69 -1.38 -29.30
CA PHE A 268 18.82 -1.86 -27.93
C PHE A 268 18.40 -3.32 -27.86
N TYR A 269 19.06 -4.10 -27.01
CA TYR A 269 18.51 -5.35 -26.53
C TYR A 269 17.43 -5.04 -25.49
N ARG A 270 16.18 -5.45 -25.75
CA ARG A 270 15.17 -5.53 -24.71
C ARG A 270 15.25 -6.93 -24.10
N VAL A 271 15.52 -6.99 -22.78
CA VAL A 271 15.69 -8.25 -22.06
C VAL A 271 14.52 -8.43 -21.10
N TYR A 272 13.81 -9.57 -21.24
CA TYR A 272 12.76 -9.97 -20.31
C TYR A 272 13.32 -10.93 -19.25
N VAL A 273 12.81 -10.80 -18.02
CA VAL A 273 13.24 -11.63 -16.89
C VAL A 273 12.01 -12.11 -16.11
N ARG A 274 12.16 -13.22 -15.37
CA ARG A 274 11.05 -13.87 -14.68
C ARG A 274 10.81 -13.36 -13.26
N SER A 275 11.81 -12.68 -12.65
CA SER A 275 11.76 -12.34 -11.24
C SER A 275 12.50 -11.03 -10.93
N GLY A 276 11.96 -10.23 -10.01
CA GLY A 276 12.57 -8.98 -9.56
C GLY A 276 13.85 -9.19 -8.76
N ARG A 277 14.00 -10.36 -8.14
CA ARG A 277 15.21 -10.76 -7.44
C ARG A 277 16.39 -10.87 -8.41
N VAL A 278 16.13 -11.51 -9.57
CA VAL A 278 17.09 -11.60 -10.66
C VAL A 278 17.37 -10.22 -11.25
N LEU A 279 16.32 -9.43 -11.53
CA LEU A 279 16.46 -8.13 -12.17
C LEU A 279 17.34 -7.18 -11.34
N SER A 280 17.07 -7.10 -10.04
CA SER A 280 17.81 -6.22 -9.14
C SER A 280 19.27 -6.66 -8.98
N TYR A 281 19.56 -7.97 -9.03
CA TYR A 281 20.94 -8.44 -9.06
C TYR A 281 21.62 -7.99 -10.36
N LEU A 282 20.99 -8.23 -11.53
CA LEU A 282 21.57 -7.85 -12.81
C LEU A 282 21.81 -6.34 -12.90
N CYS A 283 20.85 -5.51 -12.46
CA CYS A 283 21.01 -4.06 -12.57
C CYS A 283 22.13 -3.52 -11.67
N ASP A 284 22.38 -4.18 -10.53
CA ASP A 284 23.44 -3.80 -9.60
C ASP A 284 24.82 -4.37 -9.97
N ASN A 285 24.88 -5.57 -10.60
CA ASN A 285 26.11 -6.34 -10.68
C ASN A 285 26.54 -6.65 -12.13
N PHE A 286 25.59 -6.84 -13.07
CA PHE A 286 25.95 -7.22 -14.43
C PHE A 286 26.41 -5.99 -15.23
N CYS A 287 27.65 -6.04 -15.73
CA CYS A 287 28.24 -4.99 -16.56
C CYS A 287 27.98 -3.57 -16.03
N PRO A 288 28.58 -3.14 -14.89
CA PRO A 288 28.39 -1.78 -14.37
C PRO A 288 28.76 -0.65 -15.34
N ALA A 289 29.62 -0.95 -16.32
CA ALA A 289 30.03 0.02 -17.35
C ALA A 289 28.91 0.29 -18.36
N ILE A 290 27.90 -0.60 -18.44
CA ILE A 290 26.81 -0.49 -19.41
C ILE A 290 25.57 0.09 -18.73
N LYS A 291 25.05 1.21 -19.27
CA LYS A 291 23.90 1.89 -18.70
C LYS A 291 22.63 1.06 -18.94
N LYS A 292 21.86 0.83 -17.87
CA LYS A 292 20.60 0.11 -17.92
C LYS A 292 19.44 1.09 -18.09
N TYR A 293 18.39 0.66 -18.78
CA TYR A 293 17.17 1.45 -18.93
C TYR A 293 15.96 0.68 -18.40
N GLU A 294 15.23 1.31 -17.49
CA GLU A 294 13.95 0.87 -16.94
C GLU A 294 14.05 -0.40 -16.07
N GLY A 295 15.24 -0.74 -15.58
CA GLY A 295 15.42 -1.87 -14.67
C GLY A 295 14.72 -1.67 -13.32
N GLY A 296 14.39 -0.42 -12.96
CA GLY A 296 13.67 -0.13 -11.73
C GLY A 296 12.15 -0.34 -11.81
N VAL A 297 11.59 -0.63 -13.01
CA VAL A 297 10.15 -0.72 -13.18
C VAL A 297 9.62 -2.07 -12.67
N ASP A 298 8.70 -2.02 -11.70
CA ASP A 298 8.13 -3.22 -11.06
C ASP A 298 7.14 -3.94 -11.98
N ALA A 299 6.78 -5.19 -11.63
CA ALA A 299 5.90 -5.98 -12.47
C ALA A 299 4.48 -5.40 -12.49
N THR A 300 4.02 -4.83 -11.37
CA THR A 300 2.73 -4.16 -11.30
C THR A 300 2.64 -3.04 -12.34
N THR A 301 3.69 -2.21 -12.44
CA THR A 301 3.73 -1.12 -13.40
C THR A 301 3.66 -1.66 -14.82
N ARG A 302 4.40 -2.73 -15.14
CA ARG A 302 4.33 -3.33 -16.47
C ARG A 302 2.92 -3.85 -16.76
N PHE A 303 2.29 -4.55 -15.80
CA PHE A 303 0.92 -5.02 -15.96
C PHE A 303 -0.03 -3.87 -16.28
N ILE A 304 0.05 -2.75 -15.52
CA ILE A 304 -0.81 -1.59 -15.72
C ILE A 304 -0.53 -0.88 -17.07
N LEU A 305 0.75 -0.61 -17.40
CA LEU A 305 1.08 0.15 -18.59
C LEU A 305 0.89 -0.63 -19.89
N ASP A 306 1.16 -1.96 -19.88
CA ASP A 306 1.14 -2.76 -21.10
C ASP A 306 -0.27 -3.24 -21.47
N ASN A 307 -1.27 -2.97 -20.62
CA ASN A 307 -2.67 -3.28 -20.88
C ASN A 307 -3.46 -1.97 -20.89
N PRO A 308 -3.66 -1.33 -22.06
CA PRO A 308 -4.31 -0.02 -22.13
C PRO A 308 -5.64 0.04 -21.37
N GLY A 309 -5.74 1.05 -20.49
CA GLY A 309 -6.96 1.31 -19.77
C GLY A 309 -6.97 0.72 -18.36
N PHE A 310 -6.10 -0.25 -18.05
CA PHE A 310 -6.09 -0.88 -16.74
C PHE A 310 -5.72 0.11 -15.63
N VAL A 311 -6.27 -0.13 -14.44
CA VAL A 311 -6.12 0.75 -13.28
C VAL A 311 -5.78 -0.09 -12.04
N THR A 312 -5.14 0.54 -11.07
CA THR A 312 -4.80 -0.11 -9.81
C THR A 312 -5.94 -0.06 -8.80
N PHE A 313 -7.00 0.71 -9.09
CA PHE A 313 -8.14 0.83 -8.20
C PHE A 313 -9.40 1.04 -9.03
N GLY A 314 -10.36 0.11 -8.97
CA GLY A 314 -11.54 0.21 -9.80
C GLY A 314 -12.17 -1.15 -10.15
N TRP A 315 -13.26 -1.07 -10.93
CA TRP A 315 -14.05 -2.22 -11.33
C TRP A 315 -13.46 -2.93 -12.55
N TYR A 316 -13.43 -4.26 -12.47
CA TYR A 316 -12.99 -5.14 -13.55
C TYR A 316 -14.05 -6.19 -13.81
N ARG A 317 -13.96 -6.80 -15.00
CA ARG A 317 -14.80 -7.90 -15.41
C ARG A 317 -13.92 -9.06 -15.90
N LEU A 318 -14.25 -10.29 -15.52
CA LEU A 318 -13.67 -11.48 -16.12
C LEU A 318 -14.33 -11.74 -17.48
N LYS A 319 -13.53 -12.11 -18.49
CA LYS A 319 -14.01 -12.37 -19.84
C LYS A 319 -13.18 -13.45 -20.56
N PRO A 320 -13.71 -14.07 -21.65
CA PRO A 320 -12.90 -14.98 -22.48
C PRO A 320 -11.66 -14.32 -23.07
N GLY A 321 -10.56 -15.06 -23.05
CA GLY A 321 -9.28 -14.62 -23.60
C GLY A 321 -9.16 -14.89 -25.11
N ARG A 322 -7.91 -14.84 -25.60
CA ARG A 322 -7.62 -14.75 -27.03
C ARG A 322 -8.09 -16.01 -27.79
N ASN A 323 -7.79 -17.19 -27.25
CA ASN A 323 -8.22 -18.47 -27.84
C ASN A 323 -9.45 -19.02 -27.09
N ASN A 324 -10.35 -18.13 -26.66
CA ASN A 324 -11.55 -18.46 -25.90
C ASN A 324 -11.21 -19.15 -24.57
N THR A 325 -10.00 -18.90 -24.04
CA THR A 325 -9.61 -19.41 -22.72
C THR A 325 -10.37 -18.67 -21.62
N LEU A 326 -10.53 -19.31 -20.44
CA LEU A 326 -11.26 -18.75 -19.32
C LEU A 326 -10.37 -18.66 -18.08
N ALA A 327 -10.77 -17.79 -17.15
CA ALA A 327 -10.23 -17.81 -15.79
C ALA A 327 -10.60 -19.11 -15.10
N GLN A 328 -9.65 -19.73 -14.39
CA GLN A 328 -9.86 -20.96 -13.66
C GLN A 328 -10.03 -20.68 -12.17
N PRO A 329 -11.13 -21.11 -11.50
CA PRO A 329 -11.21 -21.00 -10.04
C PRO A 329 -10.23 -21.95 -9.36
N ARG A 330 -9.44 -21.44 -8.41
CA ARG A 330 -8.55 -22.29 -7.61
C ARG A 330 -9.39 -23.20 -6.70
N ALA A 331 -8.85 -24.39 -6.39
CA ALA A 331 -9.39 -25.22 -5.32
C ALA A 331 -9.03 -24.59 -3.97
N PRO A 332 -9.88 -24.70 -2.91
CA PRO A 332 -9.58 -24.09 -1.61
C PRO A 332 -8.20 -24.38 -1.04
N MET A 333 -7.68 -25.62 -1.19
CA MET A 333 -6.36 -25.95 -0.67
C MET A 333 -5.22 -25.41 -1.54
N ALA A 334 -5.55 -24.64 -2.60
CA ALA A 334 -4.55 -23.90 -3.37
C ALA A 334 -4.67 -22.38 -3.18
N PHE A 335 -5.54 -21.92 -2.28
CA PHE A 335 -5.70 -20.49 -2.02
C PHE A 335 -4.41 -19.91 -1.42
N GLY A 336 -3.94 -18.78 -1.97
CA GLY A 336 -2.79 -18.08 -1.42
C GLY A 336 -3.17 -17.05 -0.36
N THR A 337 -4.46 -16.71 -0.26
CA THR A 337 -4.91 -15.62 0.59
C THR A 337 -6.14 -16.01 1.41
N SER A 338 -6.50 -15.12 2.34
CA SER A 338 -7.73 -15.21 3.10
C SER A 338 -8.90 -14.61 2.30
N SER A 339 -9.24 -15.25 1.17
CA SER A 339 -10.36 -14.87 0.32
C SER A 339 -11.48 -15.92 0.36
N ASP A 340 -12.65 -15.59 -0.18
CA ASP A 340 -13.76 -16.52 -0.31
C ASP A 340 -13.64 -17.35 -1.59
N VAL A 341 -13.17 -16.70 -2.68
CA VAL A 341 -12.91 -17.33 -3.97
C VAL A 341 -11.61 -16.78 -4.55
N GLU A 342 -10.87 -17.59 -5.30
CA GLU A 342 -9.67 -17.15 -6.00
C GLU A 342 -9.64 -17.70 -7.43
N PHE A 343 -9.01 -16.96 -8.35
CA PHE A 343 -8.93 -17.35 -9.76
C PHE A 343 -7.50 -17.24 -10.29
N ASN A 344 -7.17 -18.12 -11.23
CA ASN A 344 -6.02 -17.98 -12.11
C ASN A 344 -6.50 -17.40 -13.44
N CYS A 345 -5.79 -16.41 -14.00
CA CYS A 345 -6.14 -15.87 -15.31
C CYS A 345 -4.91 -15.25 -15.98
N THR A 346 -5.01 -14.90 -17.27
CA THR A 346 -4.00 -14.04 -17.91
C THR A 346 -4.63 -12.66 -18.16
N ALA A 347 -3.83 -11.67 -18.57
CA ALA A 347 -4.31 -10.30 -18.69
C ALA A 347 -5.44 -10.16 -19.72
N ASP A 348 -5.47 -11.03 -20.75
CA ASP A 348 -6.52 -11.04 -21.77
C ASP A 348 -7.86 -11.56 -21.22
N ASN A 349 -7.88 -12.16 -20.03
CA ASN A 349 -9.13 -12.52 -19.36
C ASN A 349 -9.76 -11.33 -18.61
N LEU A 350 -9.13 -10.16 -18.63
CA LEU A 350 -9.60 -9.02 -17.85
C LEU A 350 -10.01 -7.87 -18.76
N ALA A 351 -11.07 -7.16 -18.34
CA ALA A 351 -11.42 -5.87 -18.91
C ALA A 351 -11.83 -4.91 -17.80
N ILE A 352 -11.60 -3.61 -18.02
CA ILE A 352 -12.16 -2.57 -17.18
C ILE A 352 -13.68 -2.54 -17.39
N GLU A 353 -14.41 -2.56 -16.29
CA GLU A 353 -15.87 -2.47 -16.35
C GLU A 353 -16.26 -1.01 -16.39
N GLY A 354 -16.81 -0.57 -17.53
CA GLY A 354 -17.28 0.80 -17.67
C GLY A 354 -18.59 1.03 -16.90
N GLY A 355 -18.80 2.28 -16.46
CA GLY A 355 -20.08 2.68 -15.90
C GLY A 355 -20.18 2.41 -14.40
N MET A 356 -19.59 1.30 -13.92
CA MET A 356 -19.52 1.04 -12.48
C MET A 356 -18.54 2.01 -11.83
N SER A 357 -18.96 2.60 -10.70
CA SER A 357 -18.19 3.64 -10.03
C SER A 357 -18.35 3.61 -8.51
N ASP A 358 -19.47 3.08 -7.99
CA ASP A 358 -19.70 2.95 -6.55
C ASP A 358 -18.66 2.04 -5.91
N LEU A 359 -18.15 2.42 -4.75
CA LEU A 359 -17.27 1.56 -3.95
C LEU A 359 -18.13 0.45 -3.34
N PRO A 360 -17.70 -0.83 -3.35
CA PRO A 360 -18.43 -1.92 -2.70
C PRO A 360 -18.17 -1.95 -1.19
N ALA A 361 -18.76 -2.95 -0.53
CA ALA A 361 -18.81 -3.06 0.93
C ALA A 361 -17.47 -3.46 1.57
N TYR A 362 -16.41 -2.69 1.34
CA TYR A 362 -15.17 -2.84 2.08
C TYR A 362 -15.37 -2.49 3.55
N LYS A 363 -14.50 -3.01 4.42
CA LYS A 363 -14.61 -2.76 5.84
C LYS A 363 -13.44 -1.91 6.31
N LEU A 364 -13.75 -0.97 7.21
CA LEU A 364 -12.77 -0.12 7.83
C LEU A 364 -12.65 -0.50 9.30
N MET A 365 -11.43 -0.79 9.76
CA MET A 365 -11.19 -0.92 11.18
C MET A 365 -10.56 0.37 11.69
N CYS A 366 -11.18 0.98 12.70
CA CYS A 366 -10.58 2.11 13.40
C CYS A 366 -10.13 1.60 14.77
N PHE A 367 -8.84 1.72 15.10
CA PHE A 367 -8.36 1.16 16.36
C PHE A 367 -7.44 2.12 17.12
N ASP A 368 -7.35 1.88 18.43
CA ASP A 368 -6.45 2.62 19.30
C ASP A 368 -6.02 1.72 20.46
N ILE A 369 -4.73 1.71 20.78
CA ILE A 369 -4.24 0.96 21.93
C ILE A 369 -4.08 1.87 23.14
N GLU A 370 -4.12 1.27 24.32
CA GLU A 370 -3.79 1.92 25.57
C GLU A 370 -2.71 1.09 26.29
N CYS A 371 -1.65 1.76 26.75
CA CYS A 371 -0.49 1.12 27.35
C CYS A 371 -0.30 1.59 28.79
N LYS A 372 0.31 0.72 29.61
CA LYS A 372 0.63 1.02 30.99
C LYS A 372 2.10 0.70 31.25
N ALA A 373 2.89 1.67 31.69
CA ALA A 373 4.27 1.42 32.09
C ALA A 373 4.30 0.61 33.39
N GLY A 374 5.24 -0.34 33.50
CA GLY A 374 5.26 -1.30 34.59
C GLY A 374 6.51 -1.24 35.46
N GLY A 375 7.44 -0.31 35.17
CA GLY A 375 8.67 -0.18 35.91
C GLY A 375 8.50 0.58 37.24
N GLU A 376 9.62 1.01 37.83
CA GLU A 376 9.62 1.71 39.11
C GLU A 376 9.08 3.15 38.97
N ASP A 377 8.82 3.59 37.73
CA ASP A 377 8.10 4.84 37.48
C ASP A 377 6.97 4.61 36.48
N GLU A 378 5.74 4.44 36.99
CA GLU A 378 4.57 4.21 36.14
C GLU A 378 4.18 5.47 35.35
N LEU A 379 4.84 6.62 35.59
CA LEU A 379 4.64 7.83 34.80
C LEU A 379 5.70 7.99 33.69
N ALA A 380 6.65 7.05 33.56
CA ALA A 380 7.51 6.98 32.39
C ALA A 380 6.72 6.55 31.16
N PHE A 381 7.12 7.05 29.98
CA PHE A 381 6.45 6.69 28.73
C PHE A 381 6.74 5.22 28.41
N PRO A 382 5.74 4.40 28.01
CA PRO A 382 5.97 2.97 27.83
C PRO A 382 6.86 2.64 26.63
N VAL A 383 7.74 1.65 26.82
CA VAL A 383 8.63 1.17 25.77
C VAL A 383 8.32 -0.30 25.48
N ALA A 384 8.06 -0.64 24.22
CA ALA A 384 7.57 -1.97 23.85
C ALA A 384 8.57 -3.07 24.22
N GLY A 385 9.88 -2.77 24.13
CA GLY A 385 10.95 -3.71 24.42
C GLY A 385 11.04 -4.13 25.89
N HIS A 386 10.44 -3.36 26.80
CA HIS A 386 10.37 -3.72 28.20
C HIS A 386 9.21 -4.69 28.42
N PRO A 387 9.44 -5.93 28.93
CA PRO A 387 8.36 -6.88 29.16
C PRO A 387 7.23 -6.35 30.05
N GLU A 388 7.55 -5.48 31.02
CA GLU A 388 6.60 -5.03 32.02
C GLU A 388 5.74 -3.86 31.52
N ASP A 389 6.11 -3.20 30.41
CA ASP A 389 5.31 -2.13 29.83
C ASP A 389 4.27 -2.71 28.88
N LEU A 390 3.05 -2.94 29.39
CA LEU A 390 2.04 -3.72 28.69
C LEU A 390 1.08 -2.86 27.88
N VAL A 391 0.60 -3.43 26.77
CA VAL A 391 -0.69 -3.04 26.21
C VAL A 391 -1.77 -3.56 27.16
N ILE A 392 -2.70 -2.68 27.58
CA ILE A 392 -3.75 -3.07 28.52
C ILE A 392 -5.13 -3.06 27.88
N GLN A 393 -5.35 -2.25 26.83
CA GLN A 393 -6.63 -2.21 26.14
C GLN A 393 -6.45 -1.87 24.67
N ILE A 394 -7.35 -2.41 23.83
CA ILE A 394 -7.41 -2.07 22.40
C ILE A 394 -8.87 -1.81 22.06
N SER A 395 -9.20 -0.59 21.67
CA SER A 395 -10.52 -0.32 21.11
C SER A 395 -10.46 -0.61 19.62
N CYS A 396 -11.55 -1.16 19.09
CA CYS A 396 -11.58 -1.61 17.71
C CYS A 396 -12.99 -1.43 17.15
N LEU A 397 -13.17 -0.44 16.27
CA LEU A 397 -14.46 -0.14 15.67
C LEU A 397 -14.47 -0.60 14.22
N LEU A 398 -15.51 -1.34 13.82
CA LEU A 398 -15.62 -1.86 12.47
C LEU A 398 -16.76 -1.15 11.75
N TYR A 399 -16.43 -0.49 10.63
CA TYR A 399 -17.40 0.23 9.83
C TYR A 399 -17.52 -0.38 8.43
N ASP A 400 -18.72 -0.28 7.85
CA ASP A 400 -18.87 -0.48 6.43
C ASP A 400 -18.43 0.79 5.69
N LEU A 401 -17.45 0.68 4.80
CA LEU A 401 -16.87 1.84 4.13
C LEU A 401 -17.78 2.39 3.04
N SER A 402 -18.76 1.61 2.56
CA SER A 402 -19.66 2.04 1.50
C SER A 402 -20.87 2.80 2.07
N THR A 403 -21.44 2.33 3.20
CA THR A 403 -22.59 2.99 3.83
C THR A 403 -22.18 3.95 4.97
N THR A 404 -20.92 3.89 5.42
CA THR A 404 -20.34 4.62 6.55
C THR A 404 -20.89 4.16 7.92
N ALA A 405 -21.70 3.10 7.96
CA ALA A 405 -22.32 2.65 9.21
C ALA A 405 -21.31 1.92 10.10
N LEU A 406 -21.33 2.27 11.41
CA LEU A 406 -20.61 1.52 12.42
C LEU A 406 -21.33 0.20 12.69
N GLU A 407 -20.63 -0.93 12.52
CA GLU A 407 -21.22 -2.26 12.59
C GLU A 407 -20.86 -2.98 13.90
N HIS A 408 -19.64 -2.77 14.40
CA HIS A 408 -19.19 -3.44 15.63
C HIS A 408 -18.30 -2.51 16.45
N VAL A 409 -18.43 -2.62 17.77
CA VAL A 409 -17.61 -1.92 18.74
C VAL A 409 -16.98 -3.00 19.63
N LEU A 410 -15.68 -3.24 19.47
CA LEU A 410 -14.99 -4.25 20.25
C LEU A 410 -14.01 -3.56 21.19
N LEU A 411 -14.00 -3.99 22.45
CA LEU A 411 -12.97 -3.57 23.38
C LEU A 411 -12.22 -4.79 23.89
N PHE A 412 -10.92 -4.84 23.60
CA PHE A 412 -10.04 -5.88 24.13
C PHE A 412 -9.45 -5.36 25.43
N SER A 413 -9.50 -6.16 26.50
CA SER A 413 -9.11 -5.70 27.82
C SER A 413 -8.27 -6.75 28.55
N LEU A 414 -7.07 -6.35 28.98
CA LEU A 414 -6.28 -7.16 29.89
C LEU A 414 -6.82 -6.97 31.31
N GLY A 415 -7.45 -8.00 31.87
CA GLY A 415 -8.16 -7.88 33.13
C GLY A 415 -9.65 -7.63 32.90
N SER A 416 -10.48 -7.92 33.92
CA SER A 416 -11.90 -7.69 33.88
C SER A 416 -12.24 -6.20 33.71
N CYS A 417 -13.37 -5.89 33.06
CA CYS A 417 -13.66 -4.54 32.62
C CYS A 417 -15.16 -4.34 32.48
N ASP A 418 -15.76 -3.51 33.35
CA ASP A 418 -17.20 -3.23 33.33
C ASP A 418 -17.46 -1.81 32.82
N LEU A 419 -17.90 -1.65 31.57
CA LEU A 419 -18.19 -0.34 31.01
C LEU A 419 -19.30 0.36 31.80
N PRO A 420 -19.18 1.69 32.05
CA PRO A 420 -20.22 2.45 32.77
C PRO A 420 -21.58 2.41 32.07
N GLU A 421 -22.64 2.26 32.85
CA GLU A 421 -24.00 2.29 32.31
C GLU A 421 -24.26 3.58 31.54
N SER A 422 -23.70 4.71 32.02
CA SER A 422 -23.75 6.01 31.37
C SER A 422 -23.29 5.94 29.92
N HIS A 423 -22.14 5.29 29.67
CA HIS A 423 -21.55 5.17 28.36
C HIS A 423 -22.39 4.26 27.47
N LEU A 424 -22.86 3.14 28.02
CA LEU A 424 -23.70 2.20 27.30
C LEU A 424 -24.99 2.88 26.85
N ASN A 425 -25.63 3.66 27.75
CA ASN A 425 -26.84 4.41 27.46
C ASN A 425 -26.59 5.46 26.36
N GLU A 426 -25.46 6.17 26.42
CA GLU A 426 -25.14 7.17 25.42
C GLU A 426 -25.00 6.55 24.01
N LEU A 427 -24.31 5.40 23.89
CA LEU A 427 -24.16 4.72 22.62
C LEU A 427 -25.52 4.22 22.10
N ALA A 428 -26.37 3.70 22.99
CA ALA A 428 -27.71 3.29 22.64
C ALA A 428 -28.57 4.47 22.16
N ALA A 429 -28.44 5.64 22.81
CA ALA A 429 -29.14 6.85 22.41
C ALA A 429 -28.67 7.36 21.04
N ARG A 430 -27.36 7.22 20.76
CA ARG A 430 -26.76 7.59 19.48
C ARG A 430 -27.10 6.58 18.37
N GLY A 431 -27.71 5.43 18.72
CA GLY A 431 -28.10 4.39 17.77
C GLY A 431 -26.93 3.53 17.29
N LEU A 432 -25.86 3.42 18.10
CA LEU A 432 -24.66 2.68 17.75
C LEU A 432 -24.68 1.27 18.34
N PRO A 433 -23.86 0.31 17.82
CA PRO A 433 -23.81 -1.05 18.34
C PRO A 433 -23.40 -1.12 19.81
N THR A 434 -23.97 -2.08 20.54
CA THR A 434 -23.60 -2.30 21.93
C THR A 434 -22.17 -2.83 21.96
N PRO A 435 -21.24 -2.24 22.74
CA PRO A 435 -19.87 -2.76 22.83
C PRO A 435 -19.82 -4.21 23.29
N VAL A 436 -18.89 -4.95 22.68
CA VAL A 436 -18.53 -6.27 23.15
C VAL A 436 -17.17 -6.14 23.84
N VAL A 437 -17.12 -6.52 25.12
CA VAL A 437 -15.89 -6.48 25.88
C VAL A 437 -15.30 -7.89 25.93
N LEU A 438 -14.05 -7.97 25.47
CA LEU A 438 -13.28 -9.21 25.45
C LEU A 438 -12.23 -9.12 26.53
N GLU A 439 -12.27 -10.04 27.48
CA GLU A 439 -11.39 -10.02 28.63
C GLU A 439 -10.33 -11.12 28.51
N PHE A 440 -9.10 -10.76 28.89
CA PHE A 440 -7.96 -11.64 28.80
C PHE A 440 -7.20 -11.66 30.13
N ASP A 441 -6.59 -12.80 30.45
CA ASP A 441 -5.77 -12.96 31.63
C ASP A 441 -4.34 -12.48 31.42
N SER A 442 -3.90 -12.28 30.16
CA SER A 442 -2.52 -11.92 29.88
C SER A 442 -2.40 -11.11 28.58
N GLU A 443 -1.27 -10.40 28.42
CA GLU A 443 -1.04 -9.56 27.25
C GLU A 443 -0.99 -10.40 25.97
N PHE A 444 -0.30 -11.54 25.98
CA PHE A 444 -0.18 -12.38 24.79
C PHE A 444 -1.54 -12.82 24.26
N GLU A 445 -2.44 -13.27 25.15
CA GLU A 445 -3.75 -13.74 24.73
C GLU A 445 -4.56 -12.63 24.07
N MET A 446 -4.47 -11.41 24.62
CA MET A 446 -5.11 -10.25 24.05
C MET A 446 -4.52 -9.86 22.69
N LEU A 447 -3.18 -9.79 22.57
CA LEU A 447 -2.55 -9.42 21.32
C LEU A 447 -2.81 -10.49 20.24
N LEU A 448 -2.76 -11.76 20.62
CA LEU A 448 -3.07 -12.84 19.70
C LEU A 448 -4.52 -12.73 19.21
N ALA A 449 -5.46 -12.46 20.13
CA ALA A 449 -6.86 -12.31 19.76
C ALA A 449 -7.05 -11.13 18.80
N PHE A 450 -6.38 -10.01 19.05
CA PHE A 450 -6.46 -8.86 18.15
C PHE A 450 -5.92 -9.22 16.76
N MET A 451 -4.75 -9.85 16.67
CA MET A 451 -4.20 -10.25 15.38
C MET A 451 -5.07 -11.32 14.70
N THR A 452 -5.71 -12.20 15.48
CA THR A 452 -6.65 -13.18 14.99
C THR A 452 -7.86 -12.49 14.38
N LEU A 453 -8.42 -11.46 15.04
CA LEU A 453 -9.47 -10.64 14.46
C LEU A 453 -8.98 -10.00 13.15
N VAL A 454 -7.80 -9.39 13.14
CA VAL A 454 -7.28 -8.76 11.94
C VAL A 454 -7.22 -9.77 10.79
N LYS A 455 -6.76 -11.01 11.03
CA LYS A 455 -6.69 -12.01 9.98
C LYS A 455 -8.08 -12.51 9.54
N GLN A 456 -8.98 -12.80 10.49
CA GLN A 456 -10.27 -13.39 10.22
C GLN A 456 -11.28 -12.39 9.66
N TYR A 457 -11.32 -11.15 10.15
CA TYR A 457 -12.21 -10.14 9.60
C TYR A 457 -11.60 -9.47 8.36
N GLY A 458 -10.27 -9.34 8.35
CA GLY A 458 -9.52 -8.87 7.21
C GLY A 458 -9.98 -7.51 6.71
N PRO A 459 -9.98 -6.44 7.56
CA PRO A 459 -10.43 -5.13 7.10
C PRO A 459 -9.51 -4.61 6.01
N GLU A 460 -10.09 -4.21 4.88
CA GLU A 460 -9.32 -3.74 3.74
C GLU A 460 -8.65 -2.41 4.03
N PHE A 461 -9.29 -1.57 4.86
CA PHE A 461 -8.79 -0.27 5.24
C PHE A 461 -8.68 -0.20 6.76
N VAL A 462 -7.62 0.44 7.25
CA VAL A 462 -7.40 0.57 8.68
C VAL A 462 -7.05 2.02 8.98
N THR A 463 -7.63 2.54 10.06
CA THR A 463 -7.39 3.92 10.47
C THR A 463 -7.29 4.03 11.99
N GLY A 464 -6.89 5.23 12.41
CA GLY A 464 -6.67 5.56 13.81
C GLY A 464 -5.92 6.87 13.85
N TYR A 465 -5.51 7.31 15.04
CA TYR A 465 -4.74 8.54 15.19
C TYR A 465 -3.39 8.19 15.77
N ASN A 466 -2.32 8.55 15.05
CA ASN A 466 -0.94 8.15 15.32
C ASN A 466 -0.72 6.63 15.24
N ILE A 467 -1.58 5.89 14.51
CA ILE A 467 -1.41 4.44 14.42
C ILE A 467 -0.10 4.06 13.75
N ILE A 468 0.40 4.88 12.83
CA ILE A 468 1.64 4.58 12.12
C ILE A 468 2.86 4.88 12.99
N ASN A 469 2.79 5.95 13.78
CA ASN A 469 3.92 6.43 14.56
C ASN A 469 3.99 5.79 15.95
N PHE A 470 2.85 5.31 16.48
CA PHE A 470 2.83 4.72 17.81
C PHE A 470 2.17 3.33 17.84
N ASP A 471 0.87 3.22 17.51
CA ASP A 471 0.08 2.04 17.87
C ASP A 471 0.58 0.77 17.18
N TRP A 472 0.72 0.77 15.85
CA TRP A 472 1.28 -0.40 15.17
C TRP A 472 2.70 -0.70 15.65
N PRO A 473 3.68 0.24 15.61
CA PRO A 473 5.03 -0.04 16.12
C PRO A 473 5.05 -0.69 17.50
N PHE A 474 4.22 -0.24 18.43
CA PHE A 474 4.18 -0.81 19.77
C PHE A 474 3.66 -2.24 19.74
N LEU A 475 2.49 -2.49 19.09
CA LEU A 475 1.93 -3.82 18.96
C LEU A 475 2.92 -4.81 18.33
N LEU A 476 3.52 -4.42 17.20
CA LEU A 476 4.37 -5.30 16.41
C LEU A 476 5.69 -5.59 17.12
N ALA A 477 6.22 -4.61 17.86
CA ALA A 477 7.37 -4.83 18.72
C ALA A 477 7.06 -5.87 19.80
N LYS A 478 5.89 -5.79 20.46
CA LYS A 478 5.49 -6.82 21.41
C LYS A 478 5.43 -8.19 20.75
N LEU A 479 4.69 -8.31 19.65
CA LEU A 479 4.52 -9.59 18.97
C LEU A 479 5.84 -10.17 18.47
N THR A 480 6.73 -9.33 17.93
CA THR A 480 8.00 -9.79 17.38
C THR A 480 9.05 -10.05 18.47
N ASP A 481 9.30 -9.08 19.36
CA ASP A 481 10.45 -9.12 20.27
C ASP A 481 10.15 -9.88 21.57
N ILE A 482 8.95 -9.71 22.14
CA ILE A 482 8.60 -10.34 23.40
C ILE A 482 8.06 -11.75 23.11
N TYR A 483 7.17 -11.89 22.11
CA TYR A 483 6.39 -13.13 21.96
C TYR A 483 6.83 -13.98 20.76
N LYS A 484 7.72 -13.48 19.89
CA LYS A 484 8.32 -14.26 18.82
C LYS A 484 7.31 -14.77 17.80
N VAL A 485 6.20 -14.04 17.58
CA VAL A 485 5.17 -14.40 16.62
C VAL A 485 5.63 -13.96 15.22
N PRO A 486 5.57 -14.85 14.19
CA PRO A 486 5.79 -14.42 12.81
C PRO A 486 4.57 -13.67 12.25
N LEU A 487 4.82 -12.54 11.60
CA LEU A 487 3.76 -11.66 11.13
C LEU A 487 3.42 -11.87 9.65
N ASP A 488 4.23 -12.62 8.89
CA ASP A 488 4.10 -12.70 7.43
C ASP A 488 2.80 -13.36 6.95
N GLY A 489 2.07 -14.05 7.82
CA GLY A 489 0.78 -14.64 7.49
C GLY A 489 -0.44 -13.83 7.95
N TYR A 490 -0.25 -12.64 8.58
CA TYR A 490 -1.36 -11.91 9.18
C TYR A 490 -1.98 -10.86 8.27
N GLY A 491 -1.37 -10.53 7.13
CA GLY A 491 -2.03 -9.75 6.11
C GLY A 491 -3.00 -10.61 5.29
N ARG A 492 -3.23 -10.22 4.04
CA ARG A 492 -4.15 -10.94 3.18
C ARG A 492 -3.58 -12.30 2.77
N MET A 493 -2.29 -12.38 2.44
CA MET A 493 -1.59 -13.63 2.14
C MET A 493 -1.53 -14.55 3.37
N ASN A 494 -1.56 -15.87 3.15
CA ASN A 494 -1.59 -16.82 4.25
C ASN A 494 -0.19 -17.12 4.82
N GLY A 495 0.86 -16.72 4.10
CA GLY A 495 2.23 -16.71 4.60
C GLY A 495 3.14 -15.99 3.61
N ARG A 496 4.36 -15.65 4.02
CA ARG A 496 5.38 -15.04 3.19
C ARG A 496 4.97 -13.66 2.63
N GLY A 497 3.97 -13.01 3.23
CA GLY A 497 3.55 -11.68 2.83
C GLY A 497 4.29 -10.58 3.60
N VAL A 498 4.30 -9.35 3.07
CA VAL A 498 4.90 -8.20 3.75
C VAL A 498 3.99 -7.75 4.90
N PHE A 499 4.57 -7.59 6.10
CA PHE A 499 3.94 -7.01 7.28
C PHE A 499 5.06 -6.30 8.04
N ARG A 500 5.32 -5.03 7.70
CA ARG A 500 6.56 -4.36 8.07
C ARG A 500 6.30 -2.93 8.54
N VAL A 501 6.93 -2.55 9.66
CA VAL A 501 7.04 -1.17 10.13
C VAL A 501 8.50 -0.74 10.02
N TRP A 502 8.73 0.52 9.62
CA TRP A 502 10.07 1.10 9.72
C TRP A 502 10.01 2.61 9.97
N ASP A 503 11.08 3.14 10.59
CA ASP A 503 11.15 4.54 11.01
C ASP A 503 11.83 5.42 9.94
N ILE A 504 11.42 6.69 9.91
CA ILE A 504 11.89 7.66 8.93
C ILE A 504 13.15 8.36 9.47
N ARG A 512 8.92 9.55 13.53
CA ARG A 512 7.84 9.20 12.55
C ARG A 512 8.20 7.92 11.81
N SER A 513 7.19 7.24 11.24
CA SER A 513 7.31 5.90 10.70
C SER A 513 6.47 5.69 9.44
N LYS A 514 6.64 4.51 8.81
CA LYS A 514 5.80 4.02 7.71
C LYS A 514 5.42 2.55 7.95
N ILE A 515 4.37 2.08 7.27
CA ILE A 515 3.93 0.69 7.39
C ILE A 515 3.57 0.14 6.00
N LYS A 516 3.88 -1.13 5.77
CA LYS A 516 3.34 -1.89 4.65
C LYS A 516 2.77 -3.19 5.21
N VAL A 517 1.45 -3.40 5.04
CA VAL A 517 0.81 -4.68 5.31
C VAL A 517 0.10 -5.13 4.05
N ASN A 518 0.46 -6.30 3.52
CA ASN A 518 -0.10 -6.78 2.26
C ASN A 518 -1.63 -6.87 2.35
N GLY A 519 -2.33 -6.20 1.43
CA GLY A 519 -3.78 -6.24 1.36
C GLY A 519 -4.50 -5.38 2.40
N MET A 520 -3.78 -4.52 3.12
CA MET A 520 -4.39 -3.63 4.11
C MET A 520 -3.92 -2.20 3.87
N VAL A 521 -4.88 -1.29 3.60
CA VAL A 521 -4.57 0.11 3.38
C VAL A 521 -4.63 0.86 4.71
N ASN A 522 -3.48 1.17 5.28
CA ASN A 522 -3.38 1.93 6.53
C ASN A 522 -3.40 3.43 6.23
N ILE A 523 -4.36 4.16 6.81
CA ILE A 523 -4.48 5.62 6.66
C ILE A 523 -4.54 6.23 8.06
N ASP A 524 -3.42 6.82 8.51
CA ASP A 524 -3.37 7.53 9.77
C ASP A 524 -4.06 8.89 9.62
N MET A 525 -5.05 9.19 10.47
CA MET A 525 -5.75 10.46 10.40
C MET A 525 -4.87 11.64 10.84
N TYR A 526 -3.78 11.42 11.58
CA TYR A 526 -2.88 12.50 11.98
C TYR A 526 -2.24 13.17 10.76
N GLY A 527 -1.77 12.36 9.80
CA GLY A 527 -1.21 12.85 8.56
C GLY A 527 -2.25 13.62 7.73
N ILE A 528 -3.47 13.11 7.65
CA ILE A 528 -4.55 13.73 6.88
C ILE A 528 -4.86 15.12 7.44
N ILE A 529 -4.99 15.24 8.77
CA ILE A 529 -5.42 16.49 9.38
C ILE A 529 -4.29 17.51 9.44
N THR A 530 -3.04 17.11 9.73
CA THR A 530 -1.92 18.05 9.70
C THR A 530 -1.71 18.63 8.30
N ASP A 531 -2.05 17.87 7.24
CA ASP A 531 -1.99 18.36 5.87
C ASP A 531 -3.16 19.30 5.52
N LYS A 532 -4.36 19.05 6.07
CA LYS A 532 -5.57 19.76 5.66
C LYS A 532 -5.87 21.02 6.47
N ILE A 533 -5.57 21.02 7.79
CA ILE A 533 -6.03 22.07 8.70
C ILE A 533 -4.84 22.68 9.45
N LYS A 534 -4.83 24.01 9.61
CA LYS A 534 -3.79 24.71 10.38
C LYS A 534 -4.29 24.94 11.80
N LEU A 535 -3.56 24.41 12.79
CA LEU A 535 -3.93 24.43 14.21
C LEU A 535 -2.71 24.65 15.09
N SER A 536 -2.94 25.17 16.31
CA SER A 536 -1.90 25.35 17.30
C SER A 536 -1.40 24.00 17.81
N SER A 537 -2.36 23.08 18.01
CA SER A 537 -2.12 21.75 18.57
C SER A 537 -2.86 20.69 17.74
N TYR A 538 -2.19 19.55 17.50
CA TYR A 538 -2.81 18.43 16.79
C TYR A 538 -3.09 17.24 17.70
N LYS A 539 -3.17 17.46 19.02
CA LYS A 539 -3.76 16.48 19.91
C LYS A 539 -5.21 16.22 19.48
N LEU A 540 -5.67 14.97 19.61
CA LEU A 540 -6.99 14.59 19.11
C LEU A 540 -8.09 15.42 19.77
N ASN A 541 -7.95 15.73 21.07
CA ASN A 541 -8.92 16.53 21.80
C ASN A 541 -9.10 17.91 21.15
N ALA A 542 -7.97 18.53 20.80
CA ALA A 542 -7.94 19.82 20.14
C ALA A 542 -8.54 19.75 18.74
N VAL A 543 -8.15 18.73 17.96
CA VAL A 543 -8.69 18.56 16.63
C VAL A 543 -10.21 18.44 16.72
N ALA A 544 -10.69 17.65 17.68
CA ALA A 544 -12.11 17.44 17.85
C ALA A 544 -12.82 18.77 18.10
N GLU A 545 -12.37 19.52 19.11
CA GLU A 545 -12.92 20.84 19.40
C GLU A 545 -12.95 21.72 18.14
N ALA A 546 -11.90 21.66 17.31
CA ALA A 546 -11.79 22.55 16.18
C ALA A 546 -12.67 22.11 15.00
N VAL A 547 -12.53 20.83 14.58
CA VAL A 547 -13.14 20.34 13.36
C VAL A 547 -14.57 19.85 13.59
N LEU A 548 -14.81 19.15 14.70
CA LEU A 548 -16.10 18.48 14.88
C LEU A 548 -16.95 19.24 15.88
N LYS A 549 -16.40 20.32 16.44
CA LYS A 549 -17.07 21.15 17.45
C LYS A 549 -17.50 20.35 18.68
N ASP A 550 -16.74 19.29 19.01
CA ASP A 550 -17.08 18.35 20.08
C ASP A 550 -16.00 18.39 21.17
N LYS A 551 -16.40 18.77 22.40
CA LYS A 551 -15.49 18.86 23.53
C LYS A 551 -15.58 17.59 24.41
N LYS A 552 -14.76 16.58 24.10
CA LYS A 552 -14.73 15.34 24.87
C LYS A 552 -14.02 15.51 26.22
N LYS A 553 -14.32 14.62 27.18
CA LYS A 553 -13.56 14.48 28.43
C LYS A 553 -12.39 13.51 28.21
N ASP A 554 -11.34 13.64 29.05
CA ASP A 554 -10.03 13.05 28.76
C ASP A 554 -9.40 12.37 29.99
N LEU A 555 -8.73 11.23 29.75
CA LEU A 555 -7.80 10.63 30.70
C LEU A 555 -6.36 10.89 30.24
N SER A 556 -5.51 11.31 31.16
CA SER A 556 -4.08 11.47 30.89
C SER A 556 -3.33 10.17 31.20
N TYR A 557 -2.16 10.01 30.59
CA TYR A 557 -1.29 8.86 30.81
C TYR A 557 -1.00 8.62 32.30
N ARG A 558 -1.05 9.69 33.12
CA ARG A 558 -0.74 9.62 34.56
C ARG A 558 -1.97 9.30 35.42
N ASP A 559 -3.18 9.28 34.85
CA ASP A 559 -4.37 8.76 35.51
C ASP A 559 -4.42 7.23 35.42
N ILE A 560 -3.93 6.66 34.30
CA ILE A 560 -4.14 5.26 33.93
C ILE A 560 -3.65 4.30 35.03
N PRO A 561 -2.43 4.43 35.63
CA PRO A 561 -1.98 3.52 36.67
C PRO A 561 -2.92 3.36 37.87
N ALA A 562 -3.54 4.47 38.30
CA ALA A 562 -4.46 4.47 39.43
C ALA A 562 -5.81 3.84 39.04
N TYR A 563 -6.36 4.19 37.87
CA TYR A 563 -7.60 3.62 37.39
C TYR A 563 -7.47 2.11 37.16
N TYR A 564 -6.34 1.66 36.62
CA TYR A 564 -6.15 0.26 36.29
C TYR A 564 -6.14 -0.64 37.53
N ALA A 565 -5.44 -0.20 38.59
CA ALA A 565 -5.32 -0.93 39.83
C ALA A 565 -6.61 -0.96 40.66
N ALA A 566 -7.51 0.02 40.47
CA ALA A 566 -8.63 0.25 41.37
C ALA A 566 -9.70 -0.85 41.25
N GLY A 567 -9.93 -1.40 40.04
CA GLY A 567 -10.87 -2.51 39.87
C GLY A 567 -11.53 -2.56 38.48
N PRO A 568 -12.50 -3.47 38.29
CA PRO A 568 -13.20 -3.66 37.02
C PRO A 568 -13.96 -2.44 36.51
N ALA A 569 -14.62 -1.70 37.42
CA ALA A 569 -15.41 -0.52 37.07
C ALA A 569 -14.51 0.61 36.59
N GLN A 570 -13.36 0.76 37.27
CA GLN A 570 -12.38 1.78 36.95
C GLN A 570 -11.65 1.45 35.65
N ARG A 571 -11.35 0.17 35.38
CA ARG A 571 -10.87 -0.25 34.07
C ARG A 571 -11.94 -0.03 32.99
N GLY A 572 -13.23 -0.11 33.37
CA GLY A 572 -14.34 0.30 32.51
C GLY A 572 -14.29 1.77 32.11
N VAL A 573 -13.88 2.67 33.01
CA VAL A 573 -13.69 4.08 32.69
C VAL A 573 -12.57 4.25 31.67
N ILE A 574 -11.49 3.45 31.75
CA ILE A 574 -10.44 3.54 30.75
C ILE A 574 -10.96 3.12 29.37
N GLY A 575 -11.84 2.10 29.32
CA GLY A 575 -12.44 1.61 28.10
C GLY A 575 -13.40 2.59 27.47
N GLU A 576 -14.28 3.16 28.28
CA GLU A 576 -15.15 4.23 27.81
C GLU A 576 -14.32 5.25 27.04
N TYR A 577 -13.19 5.65 27.61
N TYR A 577 -13.19 5.65 27.61
CA TYR A 577 -12.33 6.65 26.99
CA TYR A 577 -12.33 6.66 27.01
C TYR A 577 -11.68 6.10 25.73
C TYR A 577 -11.66 6.11 25.74
N CYS A 578 -11.25 4.82 25.76
N CYS A 578 -11.25 4.82 25.76
CA CYS A 578 -10.65 4.21 24.57
C CYS A 578 -11.70 4.19 23.44
N ILE A 579 -12.96 3.85 23.72
CA ILE A 579 -14.02 3.81 22.73
C ILE A 579 -14.37 5.21 22.20
N GLN A 580 -14.49 6.23 23.05
N GLN A 580 -14.49 6.23 23.06
CA GLN A 580 -14.86 7.55 22.58
CA GLN A 580 -14.85 7.56 22.59
C GLN A 580 -13.75 8.13 21.71
C GLN A 580 -13.74 8.13 21.71
N ASP A 581 -12.50 7.75 22.00
CA ASP A 581 -11.34 8.15 21.21
C ASP A 581 -11.48 7.63 19.77
N SER A 582 -11.73 6.33 19.62
CA SER A 582 -11.92 5.71 18.31
C SER A 582 -13.17 6.23 17.59
N LEU A 583 -14.26 6.56 18.32
CA LEU A 583 -15.45 7.16 17.74
C LEU A 583 -15.18 8.54 17.12
N LEU A 584 -14.36 9.37 17.77
CA LEU A 584 -13.98 10.66 17.22
C LEU A 584 -13.15 10.50 15.96
N VAL A 585 -12.19 9.57 15.96
CA VAL A 585 -11.36 9.34 14.78
C VAL A 585 -12.20 8.85 13.60
N GLY A 586 -13.19 7.98 13.85
CA GLY A 586 -14.11 7.56 12.80
C GLY A 586 -14.87 8.74 12.21
N GLN A 587 -15.34 9.67 13.04
CA GLN A 587 -16.01 10.87 12.56
C GLN A 587 -15.10 11.75 11.71
N LEU A 588 -13.81 11.88 12.08
CA LEU A 588 -12.83 12.58 11.28
C LEU A 588 -12.67 11.92 9.92
N PHE A 589 -12.56 10.59 9.89
CA PHE A 589 -12.37 9.83 8.66
C PHE A 589 -13.54 10.06 7.70
N PHE A 590 -14.78 9.94 8.16
CA PHE A 590 -15.94 10.10 7.28
C PHE A 590 -16.25 11.57 6.96
N LYS A 591 -15.63 12.53 7.63
CA LYS A 591 -15.68 13.93 7.22
C LYS A 591 -14.74 14.18 6.05
N PHE A 592 -13.48 13.76 6.16
CA PHE A 592 -12.46 14.07 5.17
C PHE A 592 -12.42 13.07 4.00
N LEU A 593 -12.96 11.85 4.20
CA LEU A 593 -13.00 10.77 3.21
C LEU A 593 -11.64 10.57 2.53
N PRO A 594 -10.56 10.27 3.29
CA PRO A 594 -9.20 10.26 2.74
C PRO A 594 -8.94 9.14 1.75
N HIS A 595 -9.68 8.02 1.85
CA HIS A 595 -9.57 6.94 0.88
C HIS A 595 -9.98 7.38 -0.53
N LEU A 596 -10.89 8.36 -0.65
CA LEU A 596 -11.38 8.81 -1.94
C LEU A 596 -10.36 9.69 -2.67
N GLU A 597 -9.62 10.54 -1.95
CA GLU A 597 -8.56 11.32 -2.56
C GLU A 597 -7.35 10.43 -2.88
N LEU A 598 -7.00 9.50 -2.00
CA LEU A 598 -5.89 8.58 -2.23
C LEU A 598 -6.17 7.65 -3.41
N SER A 599 -7.39 7.14 -3.55
CA SER A 599 -7.76 6.30 -4.68
C SER A 599 -7.82 7.11 -5.98
N ALA A 600 -8.26 8.38 -5.93
CA ALA A 600 -8.24 9.23 -7.11
C ALA A 600 -6.81 9.47 -7.61
N VAL A 601 -5.84 9.66 -6.72
CA VAL A 601 -4.45 9.79 -7.10
C VAL A 601 -3.90 8.47 -7.64
N ALA A 602 -4.22 7.34 -7.01
CA ALA A 602 -3.80 6.02 -7.45
C ALA A 602 -4.24 5.74 -8.89
N ARG A 603 -5.51 6.02 -9.22
CA ARG A 603 -6.04 5.86 -10.56
C ARG A 603 -5.36 6.76 -11.58
N LEU A 604 -5.10 8.03 -11.22
CA LEU A 604 -4.48 8.97 -12.13
C LEU A 604 -3.01 8.59 -12.40
N ALA A 605 -2.29 8.22 -11.34
CA ALA A 605 -0.85 8.02 -11.39
C ALA A 605 -0.44 6.63 -11.90
N GLY A 606 -1.33 5.63 -11.83
CA GLY A 606 -1.05 4.29 -12.32
C GLY A 606 -0.24 3.44 -11.33
N ILE A 607 -0.31 3.76 -10.04
CA ILE A 607 0.38 3.04 -8.96
C ILE A 607 -0.66 2.57 -7.93
N ASN A 608 -0.36 1.56 -7.12
CA ASN A 608 -1.34 1.07 -6.16
C ASN A 608 -1.53 2.08 -5.00
N ILE A 609 -2.63 1.95 -4.25
CA ILE A 609 -3.01 2.93 -3.26
C ILE A 609 -2.03 2.92 -2.07
N THR A 610 -1.40 1.78 -1.78
CA THR A 610 -0.43 1.71 -0.70
C THR A 610 0.87 2.44 -1.09
N ARG A 611 1.34 2.31 -2.33
CA ARG A 611 2.45 3.10 -2.82
C ARG A 611 2.10 4.59 -2.86
N THR A 612 0.84 4.92 -3.15
CA THR A 612 0.35 6.30 -3.18
C THR A 612 0.51 6.98 -1.81
N ILE A 613 0.23 6.26 -0.72
CA ILE A 613 0.32 6.81 0.63
C ILE A 613 1.78 6.95 1.05
N TYR A 614 2.62 5.92 0.86
CA TYR A 614 3.90 5.88 1.56
C TYR A 614 5.09 6.28 0.69
N ASP A 615 5.07 5.99 -0.62
CA ASP A 615 6.18 6.44 -1.46
C ASP A 615 6.07 7.96 -1.65
N GLY A 616 7.06 8.59 -2.25
CA GLY A 616 7.02 10.04 -2.37
C GLY A 616 6.22 10.51 -3.59
N GLN A 617 6.41 11.79 -3.94
CA GLN A 617 5.73 12.38 -5.09
C GLN A 617 6.34 11.92 -6.41
N GLN A 618 7.60 11.45 -6.42
CA GLN A 618 8.31 11.21 -7.66
C GLN A 618 7.69 10.07 -8.47
N ILE A 619 7.29 8.98 -7.80
CA ILE A 619 6.81 7.79 -8.48
C ILE A 619 5.51 8.05 -9.26
N ARG A 620 4.71 9.03 -8.82
CA ARG A 620 3.49 9.45 -9.49
C ARG A 620 3.78 10.05 -10.87
N VAL A 621 4.71 11.02 -10.92
CA VAL A 621 5.11 11.64 -12.17
C VAL A 621 5.90 10.64 -13.01
N PHE A 622 6.75 9.83 -12.38
CA PHE A 622 7.58 8.85 -13.09
C PHE A 622 6.71 7.89 -13.90
N THR A 623 5.66 7.35 -13.29
CA THR A 623 4.82 6.34 -13.94
C THR A 623 4.03 6.95 -15.11
N CYS A 624 3.51 8.18 -14.96
CA CYS A 624 2.84 8.87 -16.05
C CYS A 624 3.78 9.21 -17.21
N LEU A 625 5.00 9.63 -16.89
CA LEU A 625 6.02 9.92 -17.88
C LEU A 625 6.43 8.64 -18.61
N LEU A 626 6.55 7.53 -17.88
CA LEU A 626 6.90 6.23 -18.46
C LEU A 626 5.86 5.78 -19.49
N ARG A 627 4.56 5.89 -19.19
CA ARG A 627 3.51 5.59 -20.14
C ARG A 627 3.64 6.40 -21.43
N LEU A 628 3.81 7.72 -21.31
CA LEU A 628 3.90 8.60 -22.47
C LEU A 628 5.20 8.39 -23.24
N ALA A 629 6.33 8.21 -22.54
CA ALA A 629 7.64 8.03 -23.16
C ALA A 629 7.67 6.78 -24.05
N ASP A 630 7.06 5.68 -23.60
CA ASP A 630 6.95 4.46 -24.40
C ASP A 630 6.15 4.70 -25.68
N GLN A 631 5.02 5.40 -25.60
CA GLN A 631 4.22 5.73 -26.78
C GLN A 631 4.98 6.59 -27.80
N LYS A 632 6.01 7.33 -27.35
CA LYS A 632 6.78 8.24 -28.19
C LYS A 632 8.12 7.64 -28.64
N GLY A 633 8.43 6.41 -28.23
CA GLY A 633 9.64 5.74 -28.67
C GLY A 633 10.83 5.93 -27.73
N PHE A 634 10.64 6.62 -26.60
CA PHE A 634 11.74 6.91 -25.69
C PHE A 634 11.86 5.83 -24.60
N ILE A 635 13.07 5.69 -24.04
CA ILE A 635 13.31 4.86 -22.86
C ILE A 635 14.00 5.68 -21.78
N LEU A 636 13.72 5.33 -20.52
CA LEU A 636 14.18 6.10 -19.36
C LEU A 636 15.38 5.38 -18.72
N PRO A 637 16.57 6.02 -18.62
CA PRO A 637 17.74 5.39 -18.00
C PRO A 637 17.65 5.32 -16.48
N ASP A 638 18.22 4.25 -15.91
CA ASP A 638 18.27 4.09 -14.47
C ASP A 638 19.32 5.01 -13.84
N THR A 639 19.02 5.49 -12.62
CA THR A 639 19.87 6.42 -11.88
C THR A 639 20.57 5.69 -10.74
N PHE A 716 -1.51 40.97 -7.65
CA PHE A 716 -1.44 40.06 -8.84
C PHE A 716 -0.65 38.80 -8.49
N ASP A 717 -1.08 37.67 -9.06
CA ASP A 717 -0.37 36.41 -8.91
C ASP A 717 -0.54 35.54 -10.16
N PHE A 718 0.50 34.74 -10.47
CA PHE A 718 0.46 33.81 -11.58
C PHE A 718 -0.21 32.51 -11.19
N ALA A 719 -1.25 32.12 -11.93
CA ALA A 719 -1.86 30.81 -11.74
C ALA A 719 -0.94 29.73 -12.30
N SER A 720 -0.60 28.72 -11.47
CA SER A 720 0.23 27.58 -11.85
C SER A 720 1.51 28.01 -12.58
N LEU A 721 2.33 28.85 -11.93
CA LEU A 721 3.47 29.49 -12.56
C LEU A 721 4.42 28.43 -13.18
N TYR A 722 4.90 27.47 -12.39
CA TYR A 722 5.93 26.55 -12.85
C TYR A 722 5.37 25.59 -13.91
N PRO A 723 4.21 24.91 -13.73
CA PRO A 723 3.59 24.17 -14.83
C PRO A 723 3.41 24.97 -16.12
N SER A 724 2.98 26.22 -16.02
CA SER A 724 2.72 27.02 -17.21
C SER A 724 4.00 27.47 -17.90
N ILE A 725 5.12 27.63 -17.16
CA ILE A 725 6.42 27.91 -17.77
C ILE A 725 6.87 26.69 -18.57
N ILE A 726 6.77 25.50 -17.97
CA ILE A 726 7.13 24.26 -18.64
C ILE A 726 6.36 24.13 -19.94
N GLN A 727 5.05 24.41 -19.92
CA GLN A 727 4.22 24.36 -21.12
C GLN A 727 4.56 25.45 -22.13
N ALA A 728 4.59 26.71 -21.72
CA ALA A 728 4.80 27.83 -22.63
C ALA A 728 6.16 27.78 -23.31
N HIS A 729 7.20 27.27 -22.61
CA HIS A 729 8.56 27.23 -23.14
C HIS A 729 8.97 25.84 -23.65
N ASN A 730 8.07 24.85 -23.59
CA ASN A 730 8.30 23.53 -24.13
C ASN A 730 9.53 22.87 -23.49
N LEU A 731 9.69 23.00 -22.16
CA LEU A 731 10.85 22.51 -21.45
C LEU A 731 10.70 21.00 -21.21
N CYS A 732 11.78 20.23 -21.43
CA CYS A 732 11.78 18.79 -21.25
C CYS A 732 13.21 18.25 -21.24
N PHE A 733 13.37 17.02 -20.77
CA PHE A 733 14.55 16.20 -21.02
C PHE A 733 14.89 16.12 -22.50
N SER A 734 13.85 15.90 -23.32
CA SER A 734 14.01 15.56 -24.72
C SER A 734 14.10 16.79 -25.63
N THR A 735 13.81 18.00 -25.13
CA THR A 735 13.87 19.22 -25.94
C THR A 735 15.10 20.07 -25.60
N LEU A 736 15.79 19.72 -24.51
CA LEU A 736 17.03 20.33 -24.07
C LEU A 736 18.21 19.98 -24.96
N SER A 737 19.04 20.97 -25.28
CA SER A 737 20.40 20.75 -25.74
C SER A 737 21.38 21.58 -24.92
N LEU A 738 22.57 21.02 -24.67
CA LEU A 738 23.68 21.72 -24.03
C LEU A 738 24.68 22.25 -25.07
N ARG A 739 24.38 22.05 -26.36
CA ARG A 739 25.33 22.29 -27.45
C ARG A 739 24.71 23.15 -28.55
N ALA A 740 25.49 24.10 -29.07
CA ALA A 740 25.05 24.96 -30.16
C ALA A 740 24.93 24.20 -31.48
N ASP A 741 25.80 23.21 -31.73
CA ASP A 741 25.80 22.46 -32.99
C ASP A 741 24.57 21.56 -33.12
N ALA A 742 23.89 21.26 -32.02
CA ALA A 742 22.65 20.49 -32.02
C ALA A 742 21.50 21.26 -32.66
N VAL A 743 21.58 22.60 -32.64
CA VAL A 743 20.51 23.47 -33.14
C VAL A 743 20.98 24.32 -34.32
N ALA A 744 22.12 23.97 -34.95
CA ALA A 744 22.70 24.73 -36.05
C ALA A 744 21.83 24.72 -37.30
N HIS A 745 20.98 23.68 -37.47
CA HIS A 745 20.06 23.55 -38.58
C HIS A 745 18.75 24.34 -38.36
N LEU A 746 18.53 24.85 -37.14
CA LEU A 746 17.33 25.59 -36.75
C LEU A 746 17.61 27.09 -36.72
N GLU A 747 16.54 27.91 -36.66
CA GLU A 747 16.66 29.36 -36.56
C GLU A 747 16.41 29.84 -35.13
N ALA A 748 17.33 30.66 -34.59
CA ALA A 748 17.24 31.15 -33.23
C ALA A 748 15.98 32.00 -33.01
N GLY A 749 15.36 31.82 -31.83
CA GLY A 749 14.15 32.54 -31.46
C GLY A 749 12.91 31.92 -32.10
N LYS A 750 13.01 31.59 -33.39
CA LYS A 750 11.89 31.05 -34.15
C LYS A 750 11.69 29.56 -33.86
N ASP A 751 12.79 28.78 -33.82
CA ASP A 751 12.74 27.33 -33.62
C ASP A 751 13.23 26.89 -32.23
N TYR A 752 13.96 27.76 -31.51
CA TYR A 752 14.39 27.42 -30.16
C TYR A 752 14.53 28.65 -29.27
N LEU A 753 14.29 28.44 -27.97
CA LEU A 753 14.75 29.33 -26.94
C LEU A 753 16.22 29.05 -26.66
N GLU A 754 17.04 30.08 -26.54
CA GLU A 754 18.31 29.96 -25.85
C GLU A 754 18.35 30.89 -24.64
N ILE A 755 18.95 30.40 -23.55
CA ILE A 755 18.85 31.05 -22.26
C ILE A 755 20.09 30.70 -21.41
N GLU A 756 20.63 31.71 -20.70
CA GLU A 756 21.70 31.50 -19.74
C GLU A 756 21.10 31.03 -18.42
N VAL A 757 21.54 29.86 -17.93
CA VAL A 757 21.04 29.27 -16.70
C VAL A 757 22.24 28.71 -15.93
N GLY A 758 22.44 29.18 -14.69
CA GLY A 758 23.55 28.71 -13.87
C GLY A 758 24.92 28.91 -14.54
N GLY A 759 25.04 29.97 -15.35
CA GLY A 759 26.28 30.28 -16.06
C GLY A 759 26.40 29.62 -17.43
N ARG A 760 25.60 28.57 -17.70
CA ARG A 760 25.67 27.81 -18.95
C ARG A 760 24.63 28.30 -19.95
N ARG A 761 25.01 28.33 -21.24
CA ARG A 761 24.06 28.51 -22.32
C ARG A 761 23.28 27.22 -22.57
N LEU A 762 21.94 27.27 -22.46
CA LEU A 762 21.06 26.14 -22.72
C LEU A 762 20.16 26.45 -23.92
N PHE A 763 19.74 25.39 -24.63
CA PHE A 763 18.84 25.49 -25.75
C PHE A 763 17.64 24.60 -25.51
N PHE A 764 16.43 25.13 -25.76
CA PHE A 764 15.23 24.33 -25.78
C PHE A 764 14.51 24.54 -27.11
N VAL A 765 14.29 23.46 -27.86
CA VAL A 765 13.59 23.56 -29.13
C VAL A 765 12.10 23.79 -28.84
N LYS A 766 11.41 24.49 -29.75
CA LYS A 766 10.00 24.79 -29.59
C LYS A 766 9.10 23.63 -30.03
N ALA A 767 7.80 23.70 -29.70
CA ALA A 767 6.87 22.58 -29.80
C ALA A 767 6.67 22.09 -31.23
N HIS A 768 6.85 22.96 -32.24
CA HIS A 768 6.72 22.52 -33.63
C HIS A 768 7.93 21.72 -34.11
N VAL A 769 9.09 21.87 -33.43
CA VAL A 769 10.28 21.08 -33.71
C VAL A 769 10.17 19.72 -33.02
N ARG A 770 9.87 19.73 -31.72
CA ARG A 770 9.59 18.54 -30.93
C ARG A 770 8.79 18.95 -29.70
N GLU A 771 7.65 18.29 -29.45
CA GLU A 771 6.85 18.61 -28.29
C GLU A 771 7.39 17.93 -27.03
N SER A 772 7.50 18.71 -25.95
CA SER A 772 7.94 18.26 -24.64
C SER A 772 6.97 17.24 -24.03
N LEU A 773 7.53 16.17 -23.45
CA LEU A 773 6.77 15.14 -22.75
C LEU A 773 6.13 15.75 -21.51
N LEU A 774 6.88 16.57 -20.76
CA LEU A 774 6.36 17.24 -19.56
C LEU A 774 5.21 18.18 -19.94
N SER A 775 5.35 18.89 -21.06
CA SER A 775 4.31 19.77 -21.56
C SER A 775 3.03 19.01 -21.91
N ILE A 776 3.15 17.86 -22.60
CA ILE A 776 2.02 17.00 -22.93
C ILE A 776 1.30 16.49 -21.67
N LEU A 777 2.04 16.01 -20.67
CA LEU A 777 1.45 15.56 -19.42
C LEU A 777 0.61 16.68 -18.81
N LEU A 778 1.21 17.86 -18.66
CA LEU A 778 0.57 19.00 -18.02
C LEU A 778 -0.67 19.45 -18.80
N ARG A 779 -0.54 19.62 -20.11
CA ARG A 779 -1.65 20.01 -20.95
C ARG A 779 -2.85 19.05 -20.82
N ASP A 780 -2.61 17.75 -20.94
CA ASP A 780 -3.66 16.75 -20.87
C ASP A 780 -4.32 16.70 -19.49
N TRP A 781 -3.55 16.80 -18.41
CA TRP A 781 -4.08 16.88 -17.06
C TRP A 781 -4.93 18.12 -16.86
N LEU A 782 -4.45 19.29 -17.29
CA LEU A 782 -5.19 20.52 -17.11
C LEU A 782 -6.50 20.51 -17.92
N ALA A 783 -6.48 19.96 -19.12
CA ALA A 783 -7.69 19.79 -19.92
C ALA A 783 -8.68 18.88 -19.19
N MET A 784 -8.19 17.79 -18.59
CA MET A 784 -9.00 16.86 -17.82
C MET A 784 -9.61 17.56 -16.59
N ARG A 785 -8.82 18.34 -15.85
CA ARG A 785 -9.29 19.05 -14.68
C ARG A 785 -10.39 20.05 -15.04
N LYS A 786 -10.20 20.81 -16.12
CA LYS A 786 -11.18 21.77 -16.61
C LYS A 786 -12.48 21.09 -17.01
N GLN A 787 -12.39 19.93 -17.68
CA GLN A 787 -13.56 19.14 -18.02
C GLN A 787 -14.32 18.71 -16.76
N ILE A 788 -13.64 18.09 -15.80
CA ILE A 788 -14.24 17.64 -14.54
C ILE A 788 -14.97 18.79 -13.85
N ARG A 789 -14.30 19.94 -13.66
CA ARG A 789 -14.88 21.05 -12.94
C ARG A 789 -16.06 21.68 -13.68
N SER A 790 -16.14 21.51 -15.01
CA SER A 790 -17.29 21.97 -15.77
C SER A 790 -18.55 21.14 -15.48
N ARG A 791 -18.39 19.87 -15.04
CA ARG A 791 -19.51 18.97 -14.80
C ARG A 791 -20.05 19.06 -13.37
N ILE A 792 -19.29 19.65 -12.43
CA ILE A 792 -19.65 19.60 -11.02
C ILE A 792 -21.00 20.27 -10.74
N PRO A 793 -21.30 21.52 -11.20
CA PRO A 793 -22.59 22.15 -10.92
C PRO A 793 -23.87 21.40 -11.33
N GLN A 794 -23.79 20.54 -12.35
CA GLN A 794 -24.95 19.79 -12.84
C GLN A 794 -25.05 18.39 -12.23
N SER A 795 -24.09 17.99 -11.40
CA SER A 795 -23.97 16.62 -10.90
C SER A 795 -24.77 16.43 -9.61
N SER A 796 -25.07 15.18 -9.26
CA SER A 796 -25.77 14.87 -8.01
C SER A 796 -24.87 15.22 -6.81
N PRO A 797 -25.44 15.45 -5.60
CA PRO A 797 -24.62 15.69 -4.40
C PRO A 797 -23.57 14.63 -4.12
N GLU A 798 -23.82 13.38 -4.53
CA GLU A 798 -22.91 12.26 -4.38
C GLU A 798 -21.82 12.30 -5.46
N GLU A 799 -22.21 12.58 -6.70
CA GLU A 799 -21.28 12.70 -7.82
C GLU A 799 -20.32 13.88 -7.60
N ALA A 800 -20.81 14.99 -7.06
CA ALA A 800 -20.02 16.18 -6.79
C ALA A 800 -18.84 15.90 -5.86
N VAL A 801 -19.02 14.99 -4.88
CA VAL A 801 -17.94 14.58 -3.98
C VAL A 801 -16.86 13.84 -4.77
N LEU A 802 -17.25 12.86 -5.61
CA LEU A 802 -16.29 12.09 -6.38
C LEU A 802 -15.54 12.99 -7.36
N LEU A 803 -16.24 13.93 -8.02
CA LEU A 803 -15.63 14.85 -8.97
C LEU A 803 -14.67 15.83 -8.25
N ASP A 804 -15.03 16.27 -7.04
CA ASP A 804 -14.16 17.13 -6.25
C ASP A 804 -12.86 16.42 -5.88
N LYS A 805 -12.94 15.15 -5.47
CA LYS A 805 -11.76 14.35 -5.19
C LYS A 805 -10.90 14.16 -6.45
N GLN A 806 -11.53 13.96 -7.62
CA GLN A 806 -10.82 13.82 -8.88
C GLN A 806 -10.08 15.10 -9.28
N GLN A 807 -10.74 16.27 -9.22
CA GLN A 807 -10.10 17.53 -9.61
C GLN A 807 -8.94 17.86 -8.67
N ALA A 808 -9.07 17.53 -7.39
CA ALA A 808 -8.01 17.72 -6.41
C ALA A 808 -6.79 16.83 -6.69
N ALA A 809 -7.01 15.57 -7.08
CA ALA A 809 -5.94 14.65 -7.41
C ALA A 809 -5.12 15.18 -8.60
N ILE A 810 -5.77 15.75 -9.61
CA ILE A 810 -5.05 16.30 -10.75
C ILE A 810 -4.18 17.50 -10.36
N LYS A 811 -4.65 18.34 -9.43
CA LYS A 811 -3.88 19.48 -8.96
C LYS A 811 -2.60 19.02 -8.27
N VAL A 812 -2.69 18.06 -7.33
CA VAL A 812 -1.51 17.60 -6.59
C VAL A 812 -0.48 16.96 -7.51
N VAL A 813 -0.93 16.28 -8.58
CA VAL A 813 -0.01 15.68 -9.53
C VAL A 813 0.64 16.74 -10.43
N CYS A 814 -0.12 17.70 -11.01
CA CYS A 814 0.46 18.76 -11.83
C CYS A 814 1.51 19.58 -11.07
N ASN A 815 1.28 19.88 -9.80
CA ASN A 815 2.16 20.70 -8.99
C ASN A 815 3.47 19.99 -8.66
N SER A 816 3.52 18.66 -8.78
CA SER A 816 4.70 17.87 -8.42
C SER A 816 5.70 17.73 -9.58
N VAL A 817 5.37 18.21 -10.79
CA VAL A 817 6.22 18.01 -11.97
C VAL A 817 7.52 18.80 -11.86
N TYR A 818 7.46 20.06 -11.43
CA TYR A 818 8.67 20.86 -11.28
C TYR A 818 9.61 20.19 -10.27
N GLY A 819 9.05 19.79 -9.12
CA GLY A 819 9.78 19.11 -8.07
C GLY A 819 10.48 17.84 -8.53
N PHE A 820 9.78 17.02 -9.32
CA PHE A 820 10.30 15.78 -9.88
C PHE A 820 11.58 16.01 -10.67
N THR A 821 11.65 17.08 -11.49
CA THR A 821 12.85 17.34 -12.29
C THR A 821 14.02 17.78 -11.39
N GLY A 822 13.72 18.42 -10.26
CA GLY A 822 14.74 19.06 -9.42
C GLY A 822 15.38 18.18 -8.35
N VAL A 823 14.85 16.98 -8.07
CA VAL A 823 15.41 16.10 -7.05
C VAL A 823 16.69 15.47 -7.59
N GLN A 824 17.86 15.96 -7.14
CA GLN A 824 19.14 15.33 -7.47
C GLN A 824 19.19 13.92 -6.87
N HIS A 825 19.72 12.96 -7.65
CA HIS A 825 19.75 11.55 -7.31
C HIS A 825 18.34 10.93 -7.17
N GLY A 826 17.30 11.59 -7.70
CA GLY A 826 15.97 11.00 -7.73
C GLY A 826 15.77 10.06 -8.91
N LEU A 827 14.50 9.70 -9.17
CA LEU A 827 14.13 9.07 -10.43
C LEU A 827 14.22 10.14 -11.53
N LEU A 828 14.94 9.85 -12.61
CA LEU A 828 15.03 10.71 -13.79
C LEU A 828 15.21 12.20 -13.49
N PRO A 829 16.34 12.63 -12.87
CA PRO A 829 16.57 14.05 -12.58
C PRO A 829 17.01 14.85 -13.79
N CYS A 830 16.58 16.11 -13.87
CA CYS A 830 17.13 17.04 -14.84
C CYS A 830 17.22 18.45 -14.25
N LEU A 831 18.37 18.75 -13.63
CA LEU A 831 18.53 20.02 -12.92
C LEU A 831 18.57 21.20 -13.89
N HIS A 832 18.92 20.98 -15.16
CA HIS A 832 18.84 22.00 -16.18
C HIS A 832 17.40 22.49 -16.40
N VAL A 833 16.41 21.58 -16.41
CA VAL A 833 15.02 21.94 -16.56
C VAL A 833 14.54 22.70 -15.32
N ALA A 834 14.81 22.18 -14.11
CA ALA A 834 14.44 22.86 -12.87
C ALA A 834 15.02 24.28 -12.79
N ALA A 835 16.32 24.45 -13.08
CA ALA A 835 16.97 25.74 -13.01
C ALA A 835 16.47 26.68 -14.11
N THR A 836 16.05 26.15 -15.26
CA THR A 836 15.50 26.97 -16.32
C THR A 836 14.15 27.55 -15.89
N VAL A 837 13.30 26.72 -15.26
CA VAL A 837 11.99 27.13 -14.79
C VAL A 837 12.13 28.31 -13.82
N THR A 838 13.03 28.24 -12.83
CA THR A 838 13.19 29.34 -11.88
C THR A 838 13.82 30.57 -12.54
N THR A 839 14.74 30.40 -13.49
CA THR A 839 15.32 31.53 -14.21
C THR A 839 14.25 32.28 -15.01
N ILE A 840 13.36 31.55 -15.71
CA ILE A 840 12.28 32.17 -16.47
C ILE A 840 11.32 32.86 -15.50
N GLY A 841 10.96 32.19 -14.39
CA GLY A 841 10.07 32.73 -13.39
C GLY A 841 10.56 34.07 -12.86
N ARG A 842 11.84 34.16 -12.50
CA ARG A 842 12.45 35.40 -12.03
C ARG A 842 12.37 36.50 -13.06
N GLU A 843 12.69 36.21 -14.31
CA GLU A 843 12.65 37.21 -15.36
C GLU A 843 11.23 37.71 -15.64
N MET A 844 10.22 36.84 -15.55
CA MET A 844 8.82 37.23 -15.73
C MET A 844 8.35 38.24 -14.68
N LEU A 845 8.77 38.09 -13.42
CA LEU A 845 8.44 39.04 -12.36
C LEU A 845 9.05 40.40 -12.64
N LEU A 846 10.31 40.46 -13.06
CA LEU A 846 10.99 41.71 -13.38
C LEU A 846 10.42 42.36 -14.63
N ALA A 847 9.97 41.57 -15.62
CA ALA A 847 9.31 42.10 -16.79
C ALA A 847 7.97 42.75 -16.44
N THR A 848 7.22 42.12 -15.52
CA THR A 848 5.90 42.57 -15.12
C THR A 848 6.00 43.96 -14.50
#